data_8JZX
#
_entry.id   8JZX
#
loop_
_entity.id
_entity.type
_entity.pdbx_description
1 polymer 'SLC15A4-ALFA tag-SLC15A4-twin strep tag fusion protein'
2 non-polymer 2-acetamido-2-deoxy-beta-D-glucopyranose
3 non-polymer CHOLESTEROL
4 non-polymer 2-(4-ethoxyphenyl)-N-[3-[(2R)-2-methylpiperidin-1-yl]propyl]quinoline-4-carboxamide
#
_entity_poly.entity_id   1
_entity_poly.type   'polypeptide(L)'
_entity_poly.pdbx_seq_one_letter_code
;MEGSGGGAGERAPLLGARRAAAAAAAAGAFAGRRAACGAVLLTELLERAAFYGITSNLVLFLNGAPFCWEGAQASEALLL
FMGLTYLGSPFGGWLADARLGRARAILLSLALYLLGMLAFPLLAAPATRAALCGSARLLNCTAPGPDAAARCCSPATFAG
LVLVGLGVATVKANITPFGADQVKDRGPEATRRFFNWFYWSINLGAILSLGGIAYIQQNVSFVTGYAIPTVCVGLAFVVF
LCGQSVFITKPPSRLEEELRRRLTEGGPFTEEKVEDVKALVKIVPVFLALIPYWTVYFQMQTTYVLQSLHLRIPEISNIT
TTPHTLPAAWLTMFDAVLILLLIPLKDKLVDPILRRHGLLPSSLKRIAVGMFFVMCSAFAAGILESKRLNLVKEKTINQT
IGNVVYHAADLSLWWQVPQYLLIGISEIFASIAGLEFAYSAAPKSMQSAIMGLFFFFSGVGSFVGSGLLALVSIKAIGWM
SSHTDFGNINGCYLNYYFFLLAAIQGATLLLFLIISVKYDHHRDHQRSRANGVPTSRRAGSLEVLFQGPGGGSGGGSWSH
PQFEKGGGSGGGSWSHPQFEK
;
_entity_poly.pdbx_strand_id   A,B
#
# COMPACT_ATOMS: atom_id res chain seq x y z
N ARG A 18 10.58 -34.19 1.20
CA ARG A 18 11.35 -33.42 2.17
C ARG A 18 10.48 -33.02 3.35
N ARG A 19 10.82 -31.88 3.98
CA ARG A 19 10.02 -31.39 5.09
C ARG A 19 8.72 -30.77 4.59
N ALA A 20 8.69 -30.33 3.33
CA ALA A 20 7.46 -29.79 2.76
C ALA A 20 6.46 -30.90 2.47
N ALA A 21 6.95 -32.12 2.22
CA ALA A 21 6.04 -33.25 2.04
C ALA A 21 5.50 -33.73 3.38
N ALA A 22 6.27 -33.57 4.45
CA ALA A 22 5.79 -33.95 5.78
C ALA A 22 4.77 -32.96 6.30
N ALA A 23 4.87 -31.70 5.87
CA ALA A 23 3.86 -30.71 6.23
C ALA A 23 2.60 -30.87 5.39
N ALA A 24 2.75 -31.30 4.13
CA ALA A 24 1.59 -31.55 3.30
C ALA A 24 0.89 -32.84 3.69
N ALA A 25 1.64 -33.76 4.32
CA ALA A 25 1.01 -34.96 4.86
C ALA A 25 0.20 -34.64 6.11
N ALA A 26 0.62 -33.64 6.86
CA ALA A 26 -0.17 -33.18 8.01
C ALA A 26 -1.33 -32.30 7.57
N ALA A 27 -1.34 -31.86 6.30
CA ALA A 27 -2.47 -31.11 5.78
C ALA A 27 -3.68 -32.01 5.59
N GLY A 28 -3.48 -33.31 5.46
CA GLY A 28 -4.56 -34.28 5.51
C GLY A 28 -4.98 -34.48 6.96
N ALA A 29 -5.65 -33.49 7.52
CA ALA A 29 -5.80 -33.39 8.96
C ALA A 29 -7.23 -33.74 9.37
N PHE A 30 -7.45 -33.67 10.69
CA PHE A 30 -8.57 -34.04 11.54
C PHE A 30 -8.77 -35.56 11.62
N ALA A 31 -8.47 -36.30 10.54
CA ALA A 31 -8.02 -37.69 10.42
C ALA A 31 -8.82 -38.76 11.18
N GLY A 32 -9.39 -38.42 12.34
CA GLY A 32 -10.49 -39.17 12.90
C GLY A 32 -11.38 -38.29 13.75
N ARG A 33 -10.94 -37.06 13.99
CA ARG A 33 -11.55 -36.16 14.96
C ARG A 33 -12.54 -35.24 14.25
N ARG A 34 -13.44 -35.83 13.47
CA ARG A 34 -14.47 -35.05 12.80
C ARG A 34 -15.61 -34.65 13.72
N ALA A 35 -15.99 -35.51 14.66
CA ALA A 35 -17.08 -35.18 15.57
C ALA A 35 -16.60 -34.35 16.75
N ALA A 36 -15.30 -34.42 17.06
CA ALA A 36 -14.75 -33.59 18.13
C ALA A 36 -14.67 -32.14 17.68
N CYS A 37 -14.13 -31.89 16.49
CA CYS A 37 -14.04 -30.53 15.99
C CYS A 37 -15.40 -30.02 15.51
N GLY A 38 -16.21 -30.93 14.96
CA GLY A 38 -17.49 -30.52 14.40
C GLY A 38 -18.51 -30.11 15.46
N ALA A 39 -18.33 -30.56 16.69
CA ALA A 39 -19.17 -30.08 17.78
C ALA A 39 -18.77 -28.68 18.20
N VAL A 40 -17.51 -28.32 17.97
CA VAL A 40 -17.03 -26.98 18.30
C VAL A 40 -17.44 -25.99 17.21
N LEU A 41 -17.42 -26.43 15.96
CA LEU A 41 -17.82 -25.57 14.86
C LEU A 41 -19.32 -25.29 14.89
N LEU A 42 -20.10 -26.29 15.28
CA LEU A 42 -21.55 -26.12 15.32
C LEU A 42 -21.98 -25.31 16.54
N THR A 43 -21.21 -25.37 17.63
CA THR A 43 -21.52 -24.57 18.81
C THR A 43 -21.27 -23.10 18.55
N GLU A 44 -20.17 -22.76 17.88
CA GLU A 44 -19.86 -21.37 17.60
C GLU A 44 -20.71 -20.82 16.45
N LEU A 45 -21.20 -21.70 15.57
CA LEU A 45 -22.16 -21.29 14.55
C LEU A 45 -23.48 -20.87 15.17
N LEU A 46 -23.89 -21.55 16.25
CA LEU A 46 -25.15 -21.23 16.87
C LEU A 46 -24.99 -20.13 17.90
N GLU A 47 -23.76 -19.85 18.31
CA GLU A 47 -23.53 -18.76 19.26
C GLU A 47 -23.39 -17.44 18.53
N ARG A 48 -22.82 -17.45 17.33
CA ARG A 48 -22.79 -16.23 16.52
C ARG A 48 -24.17 -15.94 15.95
N ALA A 49 -24.99 -16.96 15.75
CA ALA A 49 -26.35 -16.74 15.27
C ALA A 49 -27.21 -16.09 16.34
N ALA A 50 -26.84 -16.28 17.61
CA ALA A 50 -27.62 -15.68 18.69
C ALA A 50 -27.07 -14.31 19.07
N PHE A 51 -25.81 -14.04 18.75
CA PHE A 51 -25.24 -12.73 19.06
C PHE A 51 -25.78 -11.66 18.13
N TYR A 52 -25.93 -11.98 16.84
CA TYR A 52 -26.48 -11.02 15.91
C TYR A 52 -28.00 -11.01 15.92
N GLY A 53 -28.61 -11.94 16.66
CA GLY A 53 -30.02 -11.82 16.94
C GLY A 53 -30.32 -10.68 17.90
N ILE A 54 -29.39 -10.41 18.81
CA ILE A 54 -29.53 -9.30 19.74
C ILE A 54 -29.07 -7.99 19.09
N THR A 55 -27.88 -8.01 18.48
CA THR A 55 -27.19 -6.78 18.13
C THR A 55 -27.84 -6.05 16.95
N SER A 56 -28.49 -6.79 16.05
CA SER A 56 -28.94 -6.21 14.79
C SER A 56 -30.12 -5.26 14.97
N ASN A 57 -31.10 -5.65 15.78
CA ASN A 57 -32.30 -4.85 15.98
C ASN A 57 -32.55 -4.53 17.44
N LEU A 58 -31.50 -4.26 18.21
CA LEU A 58 -31.68 -3.90 19.61
C LEU A 58 -32.20 -2.47 19.75
N VAL A 59 -31.69 -1.55 18.93
CA VAL A 59 -32.07 -0.16 19.02
C VAL A 59 -33.50 0.04 18.52
N LEU A 60 -33.88 -0.71 17.48
CA LEU A 60 -35.26 -0.67 16.99
C LEU A 60 -36.23 -1.26 18.01
N PHE A 61 -35.77 -2.24 18.78
CA PHE A 61 -36.64 -2.87 19.78
C PHE A 61 -36.83 -1.97 20.99
N LEU A 62 -35.74 -1.35 21.46
CA LEU A 62 -35.83 -0.52 22.65
C LEU A 62 -36.48 0.83 22.35
N ASN A 63 -36.30 1.33 21.13
CA ASN A 63 -36.97 2.55 20.68
C ASN A 63 -38.14 2.13 19.80
N GLY A 64 -39.18 1.62 20.44
CA GLY A 64 -40.30 1.07 19.72
C GLY A 64 -41.62 1.31 20.42
N ALA A 65 -42.58 0.42 20.17
CA ALA A 65 -43.92 0.56 20.72
C ALA A 65 -44.06 0.10 22.19
N PRO A 66 -43.50 -1.05 22.64
CA PRO A 66 -43.60 -1.33 24.07
C PRO A 66 -42.69 -0.47 24.92
N PHE A 67 -41.47 -0.22 24.46
CA PHE A 67 -40.48 0.52 25.21
C PHE A 67 -40.30 1.88 24.53
N CYS A 68 -40.46 2.95 25.31
CA CYS A 68 -40.46 4.30 24.78
C CYS A 68 -39.14 5.02 25.02
N TRP A 69 -38.02 4.32 24.87
CA TRP A 69 -36.72 4.93 25.14
C TRP A 69 -36.34 5.88 24.02
N GLU A 70 -35.51 6.87 24.37
CA GLU A 70 -34.99 7.78 23.37
C GLU A 70 -33.93 7.11 22.52
N GLY A 71 -33.53 7.81 21.45
CA GLY A 71 -32.54 7.24 20.53
C GLY A 71 -31.15 7.19 21.14
N ALA A 72 -30.86 8.11 22.06
CA ALA A 72 -29.56 8.10 22.73
C ALA A 72 -29.50 6.99 23.78
N GLN A 73 -30.60 6.73 24.46
CA GLN A 73 -30.59 5.73 25.52
C GLN A 73 -30.62 4.31 24.96
N ALA A 74 -31.14 4.15 23.74
CA ALA A 74 -31.09 2.84 23.11
C ALA A 74 -29.71 2.57 22.51
N SER A 75 -29.00 3.62 22.11
CA SER A 75 -27.68 3.43 21.53
C SER A 75 -26.63 3.26 22.61
N GLU A 76 -26.83 3.88 23.77
CA GLU A 76 -25.87 3.71 24.87
C GLU A 76 -26.07 2.37 25.57
N ALA A 77 -27.25 1.77 25.42
CA ALA A 77 -27.44 0.43 25.96
C ALA A 77 -26.73 -0.62 25.11
N LEU A 78 -26.67 -0.40 23.80
CA LEU A 78 -25.92 -1.31 22.93
C LEU A 78 -24.43 -1.06 23.04
N LEU A 79 -24.03 0.16 23.39
CA LEU A 79 -22.61 0.47 23.49
C LEU A 79 -22.02 -0.09 24.78
N LEU A 80 -22.82 -0.13 25.85
CA LEU A 80 -22.36 -0.79 27.07
C LEU A 80 -22.45 -2.30 26.96
N PHE A 81 -23.32 -2.79 26.08
CA PHE A 81 -23.41 -4.22 25.83
C PHE A 81 -22.22 -4.72 25.03
N MET A 82 -21.83 -3.98 23.98
CA MET A 82 -20.69 -4.39 23.18
C MET A 82 -19.39 -4.26 23.96
N GLY A 83 -19.27 -3.23 24.79
CA GLY A 83 -18.07 -3.07 25.58
C GLY A 83 -17.94 -4.11 26.67
N LEU A 84 -19.06 -4.70 27.09
CA LEU A 84 -18.99 -5.74 28.10
C LEU A 84 -18.53 -7.07 27.50
N THR A 85 -18.71 -7.25 26.19
CA THR A 85 -18.20 -8.44 25.53
C THR A 85 -16.70 -8.38 25.31
N TYR A 86 -16.09 -7.20 25.42
CA TYR A 86 -14.65 -7.10 25.31
C TYR A 86 -13.99 -6.97 26.68
N LEU A 87 -14.66 -6.31 27.63
CA LEU A 87 -14.09 -6.12 28.96
C LEU A 87 -14.05 -7.43 29.75
N GLY A 88 -15.05 -8.29 29.56
CA GLY A 88 -15.11 -9.52 30.33
C GLY A 88 -14.29 -10.67 29.77
N SER A 89 -13.64 -10.49 28.62
CA SER A 89 -12.86 -11.58 28.03
C SER A 89 -11.61 -11.98 28.83
N PRO A 90 -10.78 -11.06 29.38
CA PRO A 90 -9.67 -11.56 30.20
C PRO A 90 -10.10 -12.20 31.51
N PHE A 91 -11.21 -11.75 32.08
CA PHE A 91 -11.71 -12.33 33.32
C PHE A 91 -12.44 -13.63 33.08
N GLY A 92 -13.09 -13.78 31.93
CA GLY A 92 -13.75 -15.03 31.61
C GLY A 92 -12.77 -16.09 31.16
N GLY A 93 -11.55 -15.69 30.80
CA GLY A 93 -10.54 -16.66 30.43
C GLY A 93 -9.61 -17.01 31.57
N TRP A 94 -9.33 -16.04 32.45
CA TRP A 94 -8.56 -16.33 33.65
C TRP A 94 -9.33 -17.25 34.59
N LEU A 95 -10.66 -17.13 34.60
CA LEU A 95 -11.49 -18.03 35.39
C LEU A 95 -11.48 -19.44 34.82
N ALA A 96 -11.20 -19.59 33.54
CA ALA A 96 -11.07 -20.90 32.92
C ALA A 96 -9.68 -21.49 33.08
N ASP A 97 -8.74 -20.76 33.67
CA ASP A 97 -7.41 -21.25 33.96
C ASP A 97 -7.18 -21.53 35.44
N ALA A 98 -7.56 -20.60 36.30
CA ALA A 98 -7.29 -20.70 37.72
C ALA A 98 -8.26 -21.64 38.43
N ARG A 99 -9.55 -21.50 38.16
CA ARG A 99 -10.57 -22.22 38.93
C ARG A 99 -11.22 -23.36 38.17
N LEU A 100 -11.83 -23.09 37.03
CA LEU A 100 -12.54 -24.11 36.26
C LEU A 100 -11.65 -24.57 35.12
N GLY A 101 -12.13 -25.57 34.38
CA GLY A 101 -11.45 -25.99 33.18
C GLY A 101 -11.84 -25.15 31.98
N ARG A 102 -11.77 -25.75 30.80
CA ARG A 102 -12.33 -25.10 29.63
C ARG A 102 -13.78 -25.48 29.44
N ALA A 103 -14.06 -26.78 29.37
CA ALA A 103 -15.40 -27.26 29.04
C ALA A 103 -16.39 -26.96 30.15
N ARG A 104 -15.91 -26.86 31.39
CA ARG A 104 -16.80 -26.44 32.47
C ARG A 104 -17.00 -24.94 32.48
N ALA A 105 -16.13 -24.19 31.78
CA ALA A 105 -16.29 -22.74 31.74
C ALA A 105 -17.18 -22.33 30.59
N ILE A 106 -17.24 -23.12 29.53
CA ILE A 106 -18.11 -22.76 28.42
C ILE A 106 -19.53 -23.23 28.70
N LEU A 107 -19.69 -24.37 29.37
CA LEU A 107 -21.01 -24.82 29.79
C LEU A 107 -21.61 -23.92 30.85
N LEU A 108 -20.76 -23.34 31.71
CA LEU A 108 -21.25 -22.38 32.69
C LEU A 108 -21.66 -21.08 32.01
N SER A 109 -20.90 -20.65 31.00
CA SER A 109 -21.18 -19.38 30.36
C SER A 109 -22.39 -19.49 29.44
N LEU A 110 -22.52 -20.59 28.71
CA LEU A 110 -23.68 -20.79 27.83
C LEU A 110 -24.96 -21.01 28.62
N ALA A 111 -24.85 -21.42 29.88
CA ALA A 111 -26.02 -21.42 30.75
C ALA A 111 -26.42 -19.99 31.11
N LEU A 112 -25.43 -19.14 31.39
CA LEU A 112 -25.72 -17.74 31.67
C LEU A 112 -26.03 -16.98 30.39
N TYR A 113 -25.52 -17.45 29.26
CA TYR A 113 -25.84 -16.85 27.97
C TYR A 113 -27.22 -17.27 27.50
N LEU A 114 -27.80 -18.30 28.12
CA LEU A 114 -29.19 -18.66 27.84
C LEU A 114 -30.15 -17.96 28.80
N LEU A 115 -29.69 -17.69 30.01
CA LEU A 115 -30.57 -17.08 31.02
C LEU A 115 -30.87 -15.62 30.67
N GLY A 116 -29.85 -14.87 30.26
CA GLY A 116 -30.08 -13.50 29.84
C GLY A 116 -30.76 -13.41 28.49
N MET A 117 -30.56 -14.41 27.64
CA MET A 117 -31.18 -14.41 26.32
C MET A 117 -32.68 -14.65 26.41
N LEU A 118 -33.11 -15.36 27.46
CA LEU A 118 -34.50 -15.72 27.64
C LEU A 118 -35.39 -14.52 27.95
N ALA A 119 -34.81 -13.41 28.42
CA ALA A 119 -35.62 -12.25 28.77
C ALA A 119 -36.14 -11.52 27.54
N PHE A 120 -35.48 -11.71 26.41
CA PHE A 120 -35.87 -10.99 25.19
C PHE A 120 -37.13 -11.52 24.52
N PRO A 121 -37.41 -12.84 24.45
CA PRO A 121 -38.77 -13.23 24.04
C PRO A 121 -39.83 -12.90 25.07
N LEU A 122 -39.45 -12.78 26.34
CA LEU A 122 -40.45 -12.48 27.37
C LEU A 122 -40.85 -11.01 27.35
N LEU A 123 -39.90 -10.12 27.06
CA LEU A 123 -40.25 -8.71 26.94
C LEU A 123 -40.96 -8.41 25.64
N ALA A 124 -40.71 -9.22 24.60
CA ALA A 124 -41.36 -8.99 23.31
C ALA A 124 -42.81 -9.43 23.34
N ALA A 125 -43.12 -10.46 24.11
CA ALA A 125 -44.50 -10.95 24.18
C ALA A 125 -45.34 -10.03 25.06
N PRO A 126 -46.56 -9.70 24.65
CA PRO A 126 -47.39 -8.81 25.49
C PRO A 126 -47.94 -9.50 26.71
N ALA A 127 -48.04 -10.83 26.71
CA ALA A 127 -48.57 -11.54 27.86
C ALA A 127 -47.58 -11.58 29.01
N THR A 128 -46.31 -11.85 28.71
CA THR A 128 -45.29 -12.01 29.74
C THR A 128 -44.53 -10.73 30.04
N ARG A 129 -44.85 -9.63 29.35
CA ARG A 129 -44.17 -8.37 29.62
C ARG A 129 -44.58 -7.78 30.97
N ALA A 130 -45.84 -7.95 31.34
CA ALA A 130 -46.32 -7.35 32.59
C ALA A 130 -45.82 -8.12 33.81
N ALA A 131 -45.42 -9.38 33.63
CA ALA A 131 -44.91 -10.16 34.75
C ALA A 131 -43.53 -9.68 35.17
N LEU A 132 -42.72 -9.23 34.21
CA LEU A 132 -41.36 -8.80 34.53
C LEU A 132 -41.34 -7.34 34.99
N CYS A 133 -41.96 -6.44 34.24
CA CYS A 133 -41.82 -5.01 34.45
C CYS A 133 -43.14 -4.26 34.29
N GLY A 134 -44.25 -4.88 34.67
CA GLY A 134 -45.55 -4.24 34.50
C GLY A 134 -45.74 -3.04 35.41
N SER A 135 -45.22 -3.12 36.63
CA SER A 135 -45.29 -2.01 37.58
C SER A 135 -44.11 -2.05 38.55
N ALA A 150 -38.54 7.89 32.79
CA ALA A 150 -37.59 7.81 31.68
C ALA A 150 -37.62 6.42 31.04
N ARG A 151 -36.77 5.53 31.53
CA ARG A 151 -36.73 4.18 30.99
C ARG A 151 -37.88 3.36 31.54
N CYS A 152 -38.48 2.53 30.68
CA CYS A 152 -39.69 1.80 31.06
C CYS A 152 -39.36 0.54 31.85
N CYS A 153 -38.57 -0.36 31.27
CA CYS A 153 -38.30 -1.68 31.83
C CYS A 153 -36.81 -1.91 31.99
N SER A 154 -36.14 -0.93 32.61
CA SER A 154 -34.68 -1.02 32.77
C SER A 154 -34.16 -2.13 33.69
N PRO A 155 -34.84 -2.58 34.77
CA PRO A 155 -34.28 -3.74 35.49
C PRO A 155 -34.34 -5.04 34.72
N ALA A 156 -35.36 -5.24 33.87
CA ALA A 156 -35.45 -6.49 33.13
C ALA A 156 -34.57 -6.46 31.88
N THR A 157 -34.28 -5.27 31.36
CA THR A 157 -33.53 -5.18 30.11
C THR A 157 -32.03 -5.20 30.35
N PHE A 158 -31.56 -4.39 31.31
CA PHE A 158 -30.13 -4.31 31.56
C PHE A 158 -29.59 -5.57 32.22
N ALA A 159 -30.43 -6.29 32.96
CA ALA A 159 -29.99 -7.56 33.55
C ALA A 159 -29.84 -8.63 32.47
N GLY A 160 -30.63 -8.53 31.40
CA GLY A 160 -30.48 -9.47 30.30
C GLY A 160 -29.28 -9.16 29.44
N LEU A 161 -28.86 -7.90 29.40
CA LEU A 161 -27.70 -7.54 28.61
C LEU A 161 -26.40 -7.90 29.33
N VAL A 162 -26.43 -7.96 30.66
CA VAL A 162 -25.23 -8.32 31.41
C VAL A 162 -24.92 -9.80 31.24
N LEU A 163 -25.94 -10.65 31.35
CA LEU A 163 -25.72 -12.09 31.27
C LEU A 163 -25.37 -12.53 29.85
N VAL A 164 -25.95 -11.88 28.85
CA VAL A 164 -25.57 -12.16 27.46
C VAL A 164 -24.19 -11.60 27.17
N GLY A 165 -23.89 -10.43 27.70
CA GLY A 165 -22.60 -9.80 27.44
C GLY A 165 -21.45 -10.51 28.11
N LEU A 166 -21.67 -11.02 29.33
CA LEU A 166 -20.63 -11.81 29.98
C LEU A 166 -20.60 -13.23 29.41
N GLY A 167 -21.69 -13.64 28.78
CA GLY A 167 -21.69 -14.95 28.12
C GLY A 167 -20.88 -14.96 26.85
N VAL A 168 -20.94 -13.86 26.09
CA VAL A 168 -20.17 -13.76 24.84
C VAL A 168 -18.68 -13.68 25.14
N ALA A 169 -18.33 -12.91 26.17
CA ALA A 169 -16.92 -12.66 26.48
C ALA A 169 -16.24 -13.91 27.02
N THR A 170 -16.97 -14.75 27.74
CA THR A 170 -16.38 -15.96 28.29
C THR A 170 -16.30 -17.06 27.24
N VAL A 171 -17.27 -17.12 26.32
CA VAL A 171 -17.21 -18.11 25.25
C VAL A 171 -16.07 -17.79 24.29
N LYS A 172 -15.97 -16.53 23.83
CA LYS A 172 -14.96 -16.14 22.84
C LYS A 172 -13.55 -16.33 23.36
N ALA A 173 -13.34 -16.08 24.65
CA ALA A 173 -12.05 -16.34 25.27
C ALA A 173 -11.73 -17.83 25.33
N ASN A 174 -12.74 -18.68 25.45
CA ASN A 174 -12.52 -20.08 25.75
C ASN A 174 -12.83 -21.04 24.60
N ILE A 175 -13.69 -20.67 23.67
CA ILE A 175 -14.01 -21.60 22.58
C ILE A 175 -12.90 -21.58 21.53
N THR A 176 -12.10 -20.51 21.49
CA THR A 176 -11.03 -20.45 20.50
C THR A 176 -9.81 -21.31 20.84
N PRO A 177 -9.31 -21.44 22.11
CA PRO A 177 -8.24 -22.40 22.32
C PRO A 177 -8.75 -23.83 22.38
N PHE A 178 -9.96 -24.01 22.91
CA PHE A 178 -10.50 -25.35 23.15
C PHE A 178 -10.75 -26.10 21.86
N GLY A 179 -11.17 -25.38 20.82
CA GLY A 179 -11.35 -26.04 19.54
C GLY A 179 -10.04 -26.42 18.89
N ALA A 180 -9.00 -25.61 19.11
CA ALA A 180 -7.68 -25.92 18.60
C ALA A 180 -6.95 -26.95 19.45
N ASP A 181 -7.47 -27.28 20.63
CA ASP A 181 -6.84 -28.30 21.47
C ASP A 181 -7.13 -29.70 20.96
N GLN A 182 -8.16 -29.85 20.12
CA GLN A 182 -8.43 -31.16 19.54
C GLN A 182 -7.39 -31.54 18.51
N VAL A 183 -7.03 -30.61 17.64
CA VAL A 183 -6.03 -30.86 16.60
C VAL A 183 -4.67 -30.30 16.97
N LYS A 184 -4.40 -30.08 18.26
CA LYS A 184 -3.09 -29.62 18.68
C LYS A 184 -2.02 -30.70 18.50
N ASP A 185 -2.44 -31.97 18.55
CA ASP A 185 -1.51 -33.08 18.46
C ASP A 185 -0.83 -33.15 17.10
N ARG A 186 -1.53 -32.74 16.04
CA ARG A 186 -0.98 -32.85 14.70
C ARG A 186 -0.27 -31.57 14.26
N GLY A 187 0.62 -31.04 15.10
CA GLY A 187 1.47 -29.94 14.72
C GLY A 187 0.78 -28.59 14.64
N PRO A 188 1.55 -27.55 14.33
CA PRO A 188 0.98 -26.20 14.18
C PRO A 188 0.34 -25.94 12.82
N GLU A 189 0.24 -26.95 11.97
CA GLU A 189 -0.38 -26.79 10.67
C GLU A 189 -1.81 -27.29 10.66
N ALA A 190 -2.14 -28.26 11.51
CA ALA A 190 -3.52 -28.70 11.63
C ALA A 190 -4.35 -27.69 12.40
N THR A 191 -3.73 -26.93 13.30
CA THR A 191 -4.45 -25.85 13.97
C THR A 191 -4.72 -24.68 13.03
N ARG A 192 -3.84 -24.44 12.05
CA ARG A 192 -4.13 -23.48 10.99
C ARG A 192 -5.36 -23.89 10.18
N ARG A 193 -5.53 -25.18 9.90
CA ARG A 193 -6.71 -25.61 9.17
C ARG A 193 -7.95 -25.60 10.04
N PHE A 194 -7.79 -25.63 11.37
CA PHE A 194 -8.96 -25.50 12.22
C PHE A 194 -9.50 -24.07 12.19
N PHE A 195 -8.63 -23.08 12.33
CA PHE A 195 -9.07 -21.69 12.35
C PHE A 195 -9.53 -21.20 10.98
N ASN A 196 -9.29 -21.94 9.91
CA ASN A 196 -9.94 -21.62 8.65
C ASN A 196 -11.42 -21.93 8.73
N TRP A 197 -11.78 -23.10 9.24
CA TRP A 197 -13.17 -23.50 9.29
C TRP A 197 -13.85 -23.05 10.58
N PHE A 198 -13.07 -22.66 11.58
CA PHE A 198 -13.65 -22.01 12.75
C PHE A 198 -14.11 -20.61 12.40
N TYR A 199 -13.34 -19.89 11.60
CA TYR A 199 -13.72 -18.56 11.19
C TYR A 199 -14.74 -18.61 10.06
N TRP A 200 -14.86 -19.76 9.41
CA TRP A 200 -15.89 -19.94 8.39
C TRP A 200 -17.27 -20.08 9.02
N SER A 201 -17.34 -20.78 10.16
CA SER A 201 -18.62 -21.02 10.79
C SER A 201 -19.06 -19.83 11.64
N ILE A 202 -18.13 -18.95 11.99
CA ILE A 202 -18.49 -17.66 12.57
C ILE A 202 -19.25 -16.83 11.55
N ASN A 203 -18.73 -16.78 10.33
CA ASN A 203 -19.37 -16.00 9.28
C ASN A 203 -20.63 -16.68 8.74
N LEU A 204 -20.69 -18.01 8.78
CA LEU A 204 -21.92 -18.69 8.39
C LEU A 204 -23.03 -18.46 9.41
N GLY A 205 -22.67 -18.41 10.68
CA GLY A 205 -23.65 -18.09 11.71
C GLY A 205 -24.11 -16.65 11.63
N ALA A 206 -23.28 -15.76 11.07
CA ALA A 206 -23.67 -14.37 10.93
C ALA A 206 -24.61 -14.17 9.74
N ILE A 207 -24.45 -14.96 8.69
CA ILE A 207 -25.35 -14.87 7.54
C ILE A 207 -26.74 -15.36 7.89
N LEU A 208 -26.82 -16.43 8.69
CA LEU A 208 -28.11 -16.98 9.06
C LEU A 208 -28.85 -16.09 10.04
N SER A 209 -28.10 -15.26 10.79
CA SER A 209 -28.75 -14.40 11.77
C SER A 209 -29.07 -13.04 11.18
N LEU A 210 -28.10 -12.40 10.52
CA LEU A 210 -28.35 -11.09 9.94
C LEU A 210 -29.24 -11.17 8.71
N GLY A 211 -29.29 -12.31 8.04
CA GLY A 211 -30.16 -12.47 6.90
C GLY A 211 -31.55 -12.92 7.25
N GLY A 212 -31.66 -14.02 7.99
CA GLY A 212 -32.94 -14.61 8.31
C GLY A 212 -33.60 -14.05 9.55
N ILE A 213 -32.86 -14.00 10.66
CA ILE A 213 -33.45 -13.61 11.93
C ILE A 213 -33.73 -12.11 11.97
N ALA A 214 -32.84 -11.31 11.40
CA ALA A 214 -33.03 -9.86 11.38
C ALA A 214 -34.18 -9.45 10.46
N TYR A 215 -34.51 -10.29 9.47
CA TYR A 215 -35.70 -10.04 8.66
C TYR A 215 -36.97 -10.32 9.45
N ILE A 216 -36.94 -11.36 10.29
CA ILE A 216 -38.13 -11.74 11.06
C ILE A 216 -38.38 -10.74 12.19
N GLN A 217 -37.32 -10.24 12.81
CA GLN A 217 -37.45 -9.33 13.95
C GLN A 217 -38.07 -8.00 13.54
N GLN A 218 -37.86 -7.57 12.31
CA GLN A 218 -38.39 -6.28 11.89
C GLN A 218 -39.73 -6.39 11.17
N ASN A 219 -39.94 -7.44 10.38
CA ASN A 219 -41.08 -7.50 9.48
C ASN A 219 -42.14 -8.51 9.88
N VAL A 220 -41.76 -9.55 10.63
CA VAL A 220 -42.75 -10.54 11.05
C VAL A 220 -43.20 -10.27 12.47
N SER A 221 -42.30 -10.42 13.44
CA SER A 221 -42.59 -10.30 14.86
C SER A 221 -41.29 -10.26 15.65
N PHE A 222 -41.30 -9.52 16.74
CA PHE A 222 -40.20 -9.62 17.70
C PHE A 222 -40.34 -10.84 18.60
N VAL A 223 -41.56 -11.37 18.73
CA VAL A 223 -41.77 -12.54 19.58
C VAL A 223 -41.18 -13.78 18.93
N THR A 224 -41.50 -14.00 17.65
CA THR A 224 -40.84 -15.05 16.89
C THR A 224 -39.38 -14.71 16.66
N GLY A 225 -39.09 -13.43 16.43
CA GLY A 225 -37.75 -13.02 16.04
C GLY A 225 -36.72 -13.08 17.14
N TYR A 226 -37.13 -13.05 18.41
CA TYR A 226 -36.20 -13.30 19.49
C TYR A 226 -36.29 -14.71 20.05
N ALA A 227 -37.33 -15.46 19.70
CA ALA A 227 -37.40 -16.85 20.14
C ALA A 227 -36.46 -17.73 19.32
N ILE A 228 -36.16 -17.31 18.09
CA ILE A 228 -35.22 -18.08 17.26
C ILE A 228 -33.79 -18.05 17.78
N PRO A 229 -33.20 -16.90 18.17
CA PRO A 229 -31.84 -17.00 18.71
C PRO A 229 -31.76 -17.57 20.11
N THR A 230 -32.87 -17.63 20.84
CA THR A 230 -32.84 -18.25 22.16
C THR A 230 -32.78 -19.76 22.03
N VAL A 231 -33.43 -20.30 21.00
CA VAL A 231 -33.30 -21.71 20.67
C VAL A 231 -31.88 -22.00 20.16
N CYS A 232 -31.25 -21.02 19.52
CA CYS A 232 -29.87 -21.20 19.04
C CYS A 232 -28.87 -21.25 20.18
N VAL A 233 -29.19 -20.64 21.33
CA VAL A 233 -28.33 -20.82 22.49
C VAL A 233 -28.54 -22.20 23.09
N GLY A 234 -29.80 -22.60 23.22
CA GLY A 234 -30.11 -23.88 23.84
C GLY A 234 -29.62 -25.06 23.03
N LEU A 235 -29.64 -24.95 21.72
CA LEU A 235 -29.02 -25.98 20.88
C LEU A 235 -27.50 -25.96 21.01
N ALA A 236 -26.92 -24.79 21.22
CA ALA A 236 -25.47 -24.70 21.41
C ALA A 236 -25.06 -25.27 22.76
N PHE A 237 -25.98 -25.33 23.72
CA PHE A 237 -25.68 -25.96 25.00
C PHE A 237 -25.81 -27.47 24.91
N VAL A 238 -26.73 -27.95 24.06
CA VAL A 238 -26.97 -29.39 23.94
C VAL A 238 -25.87 -30.06 23.12
N VAL A 239 -25.34 -29.36 22.11
CA VAL A 239 -24.27 -29.91 21.26
C VAL A 239 -23.00 -30.15 22.08
N PHE A 240 -22.77 -29.36 23.11
CA PHE A 240 -21.67 -29.62 24.02
C PHE A 240 -21.90 -30.84 24.91
N LEU A 241 -23.07 -30.96 25.54
CA LEU A 241 -23.34 -32.11 26.38
C LEU A 241 -23.42 -33.39 25.57
N CYS A 242 -23.84 -33.28 24.31
CA CYS A 242 -23.73 -34.41 23.41
C CYS A 242 -22.29 -34.60 22.94
N GLY A 243 -21.48 -33.56 23.03
CA GLY A 243 -20.13 -33.61 22.51
C GLY A 243 -19.03 -33.73 23.55
N GLN A 244 -19.38 -33.91 24.83
CA GLN A 244 -18.37 -34.16 25.85
C GLN A 244 -17.71 -35.52 25.71
N SER A 245 -18.36 -36.47 25.03
CA SER A 245 -17.84 -37.82 24.87
C SER A 245 -16.70 -37.91 23.87
N VAL A 246 -16.54 -36.90 23.00
CA VAL A 246 -15.56 -36.96 21.92
C VAL A 246 -14.45 -35.93 22.06
N PHE A 247 -14.54 -35.02 23.02
CA PHE A 247 -13.54 -33.97 23.19
C PHE A 247 -12.24 -34.53 23.77
N ILE A 248 -11.24 -33.66 23.83
CA ILE A 248 -9.93 -34.03 24.34
C ILE A 248 -9.67 -33.33 25.67
N GLU A 275 9.62 -18.73 32.73
CA GLU A 275 9.64 -18.70 31.26
C GLU A 275 8.37 -18.05 30.74
N ASP A 276 7.27 -18.25 31.46
CA ASP A 276 5.99 -17.70 31.02
C ASP A 276 5.86 -16.22 31.32
N VAL A 277 6.59 -15.72 32.32
CA VAL A 277 6.61 -14.28 32.58
C VAL A 277 7.34 -13.56 31.45
N LYS A 278 8.38 -14.19 30.91
CA LYS A 278 9.03 -13.68 29.71
C LYS A 278 8.09 -13.77 28.50
N ALA A 279 7.20 -14.75 28.50
CA ALA A 279 6.32 -14.93 27.34
C ALA A 279 5.17 -13.93 27.36
N LEU A 280 4.85 -13.37 28.52
CA LEU A 280 3.81 -12.35 28.59
C LEU A 280 4.30 -11.02 28.00
N VAL A 281 5.45 -10.54 28.48
CA VAL A 281 5.95 -9.24 28.03
C VAL A 281 6.52 -9.27 26.62
N LYS A 282 6.64 -10.44 26.02
CA LYS A 282 7.09 -10.56 24.64
C LYS A 282 5.94 -10.41 23.66
N ILE A 283 4.70 -10.66 24.10
CA ILE A 283 3.54 -10.61 23.20
C ILE A 283 2.62 -9.44 23.47
N VAL A 284 2.81 -8.73 24.58
CA VAL A 284 2.07 -7.48 24.81
C VAL A 284 2.38 -6.39 23.77
N PRO A 285 3.64 -6.16 23.35
CA PRO A 285 3.84 -5.17 22.26
C PRO A 285 3.25 -5.58 20.92
N VAL A 286 2.95 -6.85 20.69
CA VAL A 286 2.26 -7.23 19.47
C VAL A 286 0.79 -6.86 19.57
N PHE A 287 0.20 -7.01 20.76
CA PHE A 287 -1.21 -6.67 20.92
C PHE A 287 -1.41 -5.17 20.95
N LEU A 288 -0.43 -4.42 21.44
CA LEU A 288 -0.52 -2.96 21.42
C LEU A 288 -0.35 -2.41 20.02
N ALA A 289 0.40 -3.11 19.18
CA ALA A 289 0.58 -2.69 17.79
C ALA A 289 -0.65 -2.97 16.93
N LEU A 290 -1.59 -3.79 17.42
CA LEU A 290 -2.82 -4.05 16.71
C LEU A 290 -3.93 -3.07 17.04
N ILE A 291 -3.74 -2.22 18.06
CA ILE A 291 -4.76 -1.24 18.42
C ILE A 291 -5.04 -0.23 17.29
N PRO A 292 -4.04 0.28 16.55
CA PRO A 292 -4.41 1.04 15.34
C PRO A 292 -5.00 0.17 14.23
N TYR A 293 -4.76 -1.14 14.23
CA TYR A 293 -5.42 -2.00 13.25
C TYR A 293 -6.89 -2.18 13.58
N TRP A 294 -7.22 -2.34 14.86
CA TRP A 294 -8.62 -2.49 15.25
C TRP A 294 -9.39 -1.20 15.03
N THR A 295 -8.71 -0.06 15.14
CA THR A 295 -9.31 1.25 14.92
C THR A 295 -9.82 1.40 13.50
N VAL A 296 -9.00 1.01 12.52
CA VAL A 296 -9.42 1.09 11.13
C VAL A 296 -10.44 0.00 10.82
N TYR A 297 -10.37 -1.13 11.53
CA TYR A 297 -11.20 -2.28 11.24
C TYR A 297 -12.66 -2.05 11.61
N PHE A 298 -12.91 -1.48 12.79
CA PHE A 298 -14.29 -1.27 13.22
C PHE A 298 -14.89 -0.03 12.59
N GLN A 299 -14.06 0.93 12.18
CA GLN A 299 -14.60 2.14 11.56
C GLN A 299 -14.89 1.92 10.09
N MET A 300 -14.41 0.83 9.51
CA MET A 300 -14.85 0.46 8.18
C MET A 300 -16.20 -0.24 8.21
N GLN A 301 -16.47 -0.98 9.29
CA GLN A 301 -17.75 -1.66 9.41
C GLN A 301 -18.88 -0.65 9.61
N THR A 302 -18.59 0.44 10.31
CA THR A 302 -19.59 1.48 10.50
C THR A 302 -19.79 2.30 9.23
N THR A 303 -18.70 2.71 8.59
CA THR A 303 -18.81 3.70 7.53
C THR A 303 -18.99 3.11 6.15
N TYR A 304 -18.77 1.80 5.95
CA TYR A 304 -19.14 1.22 4.66
C TYR A 304 -20.64 1.00 4.59
N VAL A 305 -21.29 0.84 5.75
CA VAL A 305 -22.74 0.73 5.77
C VAL A 305 -23.38 2.09 5.51
N LEU A 306 -22.76 3.16 6.02
CA LEU A 306 -23.25 4.51 5.74
C LEU A 306 -23.08 4.87 4.28
N GLN A 307 -22.05 4.35 3.63
CA GLN A 307 -21.90 4.54 2.20
C GLN A 307 -22.90 3.70 1.42
N SER A 308 -23.30 2.55 1.97
CA SER A 308 -24.26 1.69 1.29
C SER A 308 -25.67 2.26 1.39
N LEU A 309 -25.99 2.94 2.50
CA LEU A 309 -27.30 3.54 2.66
C LEU A 309 -27.52 4.68 1.69
N HIS A 310 -26.46 5.43 1.38
CA HIS A 310 -26.53 6.57 0.47
C HIS A 310 -26.11 6.19 -0.93
N LEU A 311 -26.40 4.95 -1.31
CA LEU A 311 -26.07 4.41 -2.63
C LEU A 311 -27.27 3.59 -3.08
N ARG A 312 -27.44 3.45 -4.39
CA ARG A 312 -28.70 2.91 -4.93
C ARG A 312 -28.79 1.41 -4.68
N ILE A 313 -29.67 1.02 -3.77
CA ILE A 313 -29.89 -0.37 -3.38
C ILE A 313 -31.09 -0.88 -4.17
N PRO A 314 -30.98 -2.02 -4.84
CA PRO A 314 -32.13 -2.53 -5.61
C PRO A 314 -33.19 -3.15 -4.71
N GLU A 315 -34.41 -3.17 -5.21
CA GLU A 315 -35.52 -3.79 -4.50
C GLU A 315 -35.68 -5.24 -4.92
N ILE A 316 -36.26 -6.05 -4.03
CA ILE A 316 -36.30 -7.49 -4.19
C ILE A 316 -37.70 -7.99 -4.53
N SER A 317 -38.75 -7.34 -4.03
CA SER A 317 -40.10 -7.80 -4.33
C SER A 317 -40.97 -6.65 -4.82
N ASN A 318 -42.19 -6.95 -5.22
CA ASN A 318 -43.12 -5.94 -5.72
C ASN A 318 -43.93 -5.33 -4.59
N PRO A 323 -44.91 -7.78 4.28
CA PRO A 323 -43.56 -7.49 4.75
C PRO A 323 -42.74 -6.70 3.73
N HIS A 324 -42.54 -5.41 4.00
CA HIS A 324 -41.78 -4.53 3.14
C HIS A 324 -40.57 -4.05 3.92
N THR A 325 -39.83 -3.10 3.33
CA THR A 325 -38.82 -2.26 3.99
C THR A 325 -37.69 -3.10 4.62
N LEU A 326 -36.86 -3.67 3.71
CA LEU A 326 -35.71 -4.54 3.97
C LEU A 326 -34.80 -4.06 5.10
N PRO A 327 -34.21 -4.96 5.87
CA PRO A 327 -33.47 -4.55 7.06
C PRO A 327 -32.15 -3.88 6.73
N ALA A 328 -31.68 -3.05 7.67
CA ALA A 328 -30.36 -2.44 7.54
C ALA A 328 -29.26 -3.41 7.92
N ALA A 329 -29.62 -4.59 8.45
CA ALA A 329 -28.62 -5.57 8.81
C ALA A 329 -28.17 -6.38 7.61
N TRP A 330 -28.88 -6.29 6.49
CA TRP A 330 -28.44 -6.96 5.27
C TRP A 330 -27.23 -6.26 4.66
N LEU A 331 -27.02 -4.99 5.00
CA LEU A 331 -25.89 -4.27 4.44
C LEU A 331 -24.61 -4.57 5.21
N THR A 332 -24.73 -5.22 6.37
CA THR A 332 -23.55 -5.68 7.10
C THR A 332 -23.16 -7.09 6.67
N MET A 333 -23.97 -7.71 5.82
CA MET A 333 -23.71 -9.09 5.40
C MET A 333 -22.65 -9.16 4.31
N PHE A 334 -22.39 -8.03 3.64
CA PHE A 334 -21.61 -8.04 2.39
C PHE A 334 -20.17 -8.44 2.61
N ASP A 335 -19.64 -8.15 3.79
CA ASP A 335 -18.32 -8.66 4.15
C ASP A 335 -18.35 -10.17 4.34
N ALA A 336 -19.37 -10.67 5.04
CA ALA A 336 -19.37 -12.06 5.47
C ALA A 336 -19.76 -13.01 4.34
N VAL A 337 -20.44 -12.53 3.30
CA VAL A 337 -20.75 -13.39 2.15
C VAL A 337 -19.47 -13.72 1.39
N LEU A 338 -18.55 -12.76 1.30
CA LEU A 338 -17.30 -13.00 0.60
C LEU A 338 -16.39 -13.94 1.37
N ILE A 339 -16.50 -13.95 2.70
CA ILE A 339 -15.65 -14.81 3.52
C ILE A 339 -16.05 -16.28 3.37
N LEU A 340 -17.35 -16.53 3.13
CA LEU A 340 -17.80 -17.88 2.86
C LEU A 340 -17.30 -18.40 1.52
N LEU A 341 -16.93 -17.50 0.62
CA LEU A 341 -16.43 -17.91 -0.69
C LEU A 341 -14.92 -18.01 -0.74
N LEU A 342 -14.22 -17.33 0.17
CA LEU A 342 -12.77 -17.20 0.08
C LEU A 342 -12.02 -18.11 1.06
N ILE A 343 -12.67 -18.57 2.12
CA ILE A 343 -12.05 -19.57 3.00
C ILE A 343 -11.92 -20.93 2.31
N PRO A 344 -12.94 -21.47 1.56
CA PRO A 344 -12.65 -22.69 0.77
C PRO A 344 -11.64 -22.46 -0.35
N LEU A 345 -11.49 -21.20 -0.77
CA LEU A 345 -10.45 -20.87 -1.73
C LEU A 345 -9.07 -20.90 -1.09
N LYS A 346 -8.98 -20.44 0.17
CA LYS A 346 -7.69 -20.47 0.86
C LYS A 346 -7.32 -21.89 1.28
N ASP A 347 -8.29 -22.63 1.79
CA ASP A 347 -8.03 -23.96 2.35
C ASP A 347 -7.68 -24.98 1.26
N LYS A 348 -8.04 -24.68 0.01
CA LYS A 348 -7.79 -25.64 -1.07
C LYS A 348 -6.81 -25.08 -2.10
N LEU A 349 -6.50 -23.78 -2.02
CA LEU A 349 -5.51 -23.24 -2.97
C LEU A 349 -4.48 -22.35 -2.33
N VAL A 350 -4.42 -22.17 -1.01
CA VAL A 350 -3.30 -21.50 -0.37
C VAL A 350 -2.63 -22.40 0.66
N ASP A 351 -3.35 -23.31 1.32
CA ASP A 351 -2.71 -24.41 2.05
C ASP A 351 -1.88 -25.28 1.11
N PRO A 352 -2.33 -25.68 -0.12
CA PRO A 352 -1.35 -26.29 -1.03
C PRO A 352 -0.26 -25.35 -1.49
N ILE A 353 -0.63 -24.24 -2.14
CA ILE A 353 0.27 -23.54 -3.05
C ILE A 353 1.37 -22.81 -2.28
N LEU A 354 1.01 -22.07 -1.24
CA LEU A 354 2.00 -21.35 -0.45
C LEU A 354 2.86 -22.26 0.43
N ARG A 355 2.56 -23.55 0.52
CA ARG A 355 3.35 -24.45 1.35
C ARG A 355 4.48 -25.14 0.59
N ARG A 356 4.22 -25.63 -0.63
CA ARG A 356 5.29 -26.32 -1.34
C ARG A 356 6.22 -25.35 -2.05
N HIS A 357 5.92 -24.05 -2.03
CA HIS A 357 6.87 -23.04 -2.44
C HIS A 357 7.54 -22.34 -1.27
N GLY A 358 7.17 -22.68 -0.04
CA GLY A 358 7.80 -22.10 1.14
C GLY A 358 7.49 -20.64 1.36
N LEU A 359 6.39 -20.16 0.78
CA LEU A 359 6.05 -18.74 0.78
C LEU A 359 5.15 -18.44 1.97
N LEU A 360 5.55 -17.43 2.75
CA LEU A 360 4.79 -16.80 3.83
C LEU A 360 4.37 -17.80 4.89
N PRO A 361 5.30 -18.37 5.70
CA PRO A 361 4.90 -19.46 6.60
C PRO A 361 4.38 -19.01 7.95
N SER A 362 4.78 -17.84 8.42
CA SER A 362 4.48 -17.45 9.79
C SER A 362 3.17 -16.68 9.88
N SER A 363 2.63 -16.62 11.10
CA SER A 363 1.37 -15.96 11.38
C SER A 363 1.48 -14.45 11.40
N LEU A 364 2.59 -13.89 11.87
CA LEU A 364 2.75 -12.44 11.95
C LEU A 364 2.99 -11.81 10.59
N LYS A 365 3.55 -12.54 9.63
CA LYS A 365 3.69 -11.98 8.29
C LYS A 365 2.39 -12.07 7.52
N ARG A 366 1.46 -12.93 7.95
CA ARG A 366 0.16 -12.98 7.29
C ARG A 366 -0.76 -11.89 7.84
N ILE A 367 -0.50 -11.40 9.04
CA ILE A 367 -1.23 -10.24 9.54
C ILE A 367 -0.79 -9.00 8.77
N ALA A 368 0.49 -8.91 8.42
CA ALA A 368 0.98 -7.76 7.67
C ALA A 368 0.49 -7.78 6.23
N VAL A 369 0.23 -8.96 5.68
CA VAL A 369 -0.40 -9.04 4.37
C VAL A 369 -1.84 -8.58 4.45
N GLY A 370 -2.55 -8.96 5.51
CA GLY A 370 -3.92 -8.51 5.70
C GLY A 370 -4.01 -7.03 6.01
N MET A 371 -2.95 -6.46 6.58
CA MET A 371 -2.91 -5.01 6.79
C MET A 371 -2.71 -4.26 5.49
N PHE A 372 -2.15 -4.93 4.47
CA PHE A 372 -1.95 -4.27 3.19
C PHE A 372 -3.25 -4.14 2.42
N PHE A 373 -4.15 -5.09 2.59
CA PHE A 373 -5.41 -5.04 1.86
C PHE A 373 -6.46 -4.24 2.60
N VAL A 374 -6.22 -3.90 3.88
CA VAL A 374 -7.07 -2.94 4.56
C VAL A 374 -6.83 -1.55 4.00
N MET A 375 -5.56 -1.20 3.80
CA MET A 375 -5.20 0.11 3.28
C MET A 375 -5.67 0.28 1.84
N CYS A 376 -5.55 -0.77 1.03
CA CYS A 376 -6.02 -0.70 -0.35
C CYS A 376 -7.54 -0.63 -0.43
N SER A 377 -8.23 -1.10 0.61
CA SER A 377 -9.68 -1.00 0.65
C SER A 377 -10.12 0.41 1.02
N ALA A 378 -9.35 1.08 1.88
CA ALA A 378 -9.68 2.43 2.30
C ALA A 378 -9.46 3.42 1.18
N PHE A 379 -8.49 3.16 0.30
CA PHE A 379 -8.32 4.01 -0.87
C PHE A 379 -9.46 3.80 -1.86
N ALA A 380 -9.86 2.54 -2.08
CA ALA A 380 -10.94 2.23 -3.02
C ALA A 380 -12.27 2.77 -2.51
N ALA A 381 -12.41 2.92 -1.20
CA ALA A 381 -13.63 3.47 -0.64
C ALA A 381 -13.69 4.98 -0.79
N GLY A 382 -12.54 5.67 -0.64
CA GLY A 382 -12.54 7.10 -0.76
C GLY A 382 -12.60 7.57 -2.21
N ILE A 383 -12.19 6.71 -3.14
CA ILE A 383 -12.31 7.02 -4.56
C ILE A 383 -13.76 6.92 -4.99
N LEU A 384 -14.48 5.91 -4.49
CA LEU A 384 -15.91 5.78 -4.79
C LEU A 384 -16.71 6.87 -4.11
N GLU A 385 -16.29 7.30 -2.93
CA GLU A 385 -17.05 8.31 -2.20
C GLU A 385 -16.83 9.70 -2.80
N SER A 386 -15.65 9.93 -3.38
CA SER A 386 -15.44 11.19 -4.09
C SER A 386 -16.23 11.23 -5.39
N LYS A 387 -16.43 10.08 -6.02
CA LYS A 387 -17.27 10.01 -7.20
C LYS A 387 -18.74 10.19 -6.82
N ARG A 388 -19.14 9.66 -5.67
CA ARG A 388 -20.54 9.71 -5.27
C ARG A 388 -20.94 11.11 -4.82
N LEU A 389 -20.05 11.79 -4.07
CA LEU A 389 -20.34 13.16 -3.67
C LEU A 389 -20.34 14.11 -4.85
N ASN A 390 -19.58 13.80 -5.90
CA ASN A 390 -19.63 14.56 -7.13
C ASN A 390 -20.94 14.31 -7.87
N LEU A 391 -21.47 13.10 -7.75
CA LEU A 391 -22.66 12.71 -8.49
C LEU A 391 -23.94 13.08 -7.75
N VAL A 392 -23.85 13.32 -6.44
CA VAL A 392 -25.05 13.63 -5.66
C VAL A 392 -25.42 15.11 -5.79
N LYS A 393 -24.52 15.92 -6.35
CA LYS A 393 -24.84 17.32 -6.60
C LYS A 393 -25.82 17.48 -7.75
N GLU A 394 -25.80 16.56 -8.72
CA GLU A 394 -26.68 16.66 -9.88
C GLU A 394 -28.09 16.18 -9.56
N LYS A 395 -28.24 14.92 -9.20
CA LYS A 395 -29.53 14.36 -8.86
C LYS A 395 -29.39 13.46 -7.65
N THR A 396 -30.52 13.20 -6.99
CA THR A 396 -30.56 12.42 -5.76
C THR A 396 -31.89 11.69 -5.69
N ILE A 397 -31.85 10.37 -5.51
CA ILE A 397 -33.06 9.57 -5.43
C ILE A 397 -33.35 9.27 -3.96
N ASN A 398 -34.60 8.90 -3.69
CA ASN A 398 -35.04 8.52 -2.37
C ASN A 398 -35.14 7.01 -2.27
N GLN A 399 -34.62 6.45 -1.17
CA GLN A 399 -34.78 5.04 -0.88
C GLN A 399 -34.96 4.88 0.62
N THR A 400 -35.75 3.89 1.02
CA THR A 400 -36.05 3.66 2.42
C THR A 400 -35.47 2.32 2.87
N ILE A 401 -34.58 2.39 3.87
CA ILE A 401 -33.90 1.22 4.41
C ILE A 401 -34.24 1.19 5.89
N GLY A 402 -34.95 0.16 6.33
CA GLY A 402 -35.45 0.15 7.68
C GLY A 402 -36.76 0.89 7.73
N ASN A 403 -36.81 2.00 8.46
CA ASN A 403 -38.00 2.84 8.46
C ASN A 403 -37.66 4.32 8.29
N VAL A 404 -36.53 4.63 7.66
CA VAL A 404 -36.12 6.02 7.42
C VAL A 404 -35.65 6.10 5.98
N VAL A 405 -35.93 7.23 5.33
CA VAL A 405 -35.56 7.45 3.94
C VAL A 405 -34.12 7.93 3.88
N TYR A 406 -33.40 7.50 2.85
CA TYR A 406 -32.03 7.93 2.62
C TYR A 406 -31.92 8.58 1.26
N HIS A 407 -31.17 9.66 1.20
CA HIS A 407 -31.02 10.42 -0.03
C HIS A 407 -29.79 9.90 -0.78
N ALA A 408 -30.01 8.93 -1.65
CA ALA A 408 -28.94 8.20 -2.29
C ALA A 408 -28.63 8.79 -3.66
N ALA A 409 -27.37 8.72 -4.04
CA ALA A 409 -26.99 9.07 -5.40
C ALA A 409 -27.44 7.97 -6.35
N ASP A 410 -27.47 8.31 -7.64
CA ASP A 410 -27.85 7.33 -8.66
C ASP A 410 -26.63 6.56 -9.15
N LEU A 411 -25.96 5.90 -8.21
CA LEU A 411 -24.80 5.06 -8.47
C LEU A 411 -25.10 3.73 -7.80
N SER A 412 -24.77 2.64 -8.48
CA SER A 412 -25.24 1.32 -8.03
C SER A 412 -24.52 0.87 -6.76
N LEU A 413 -25.19 -0.01 -6.01
CA LEU A 413 -24.60 -0.57 -4.80
C LEU A 413 -23.44 -1.49 -5.13
N TRP A 414 -23.45 -2.10 -6.30
CA TRP A 414 -22.46 -3.11 -6.63
C TRP A 414 -21.15 -2.49 -7.13
N TRP A 415 -21.01 -1.17 -7.09
CA TRP A 415 -19.69 -0.56 -7.22
C TRP A 415 -18.94 -0.56 -5.92
N GLN A 416 -19.55 -1.01 -4.83
CA GLN A 416 -18.90 -1.12 -3.54
C GLN A 416 -18.27 -2.51 -3.37
N VAL A 417 -18.40 -3.36 -4.40
CA VAL A 417 -17.80 -4.69 -4.36
C VAL A 417 -16.26 -4.69 -4.31
N PRO A 418 -15.53 -3.82 -5.04
CA PRO A 418 -14.06 -3.81 -4.83
C PRO A 418 -13.60 -3.36 -3.46
N GLN A 419 -14.44 -2.69 -2.67
CA GLN A 419 -14.10 -2.43 -1.27
C GLN A 419 -14.14 -3.72 -0.47
N TYR A 420 -15.16 -4.55 -0.72
CA TYR A 420 -15.39 -5.72 0.10
C TYR A 420 -14.58 -6.93 -0.34
N LEU A 421 -14.04 -6.92 -1.56
CA LEU A 421 -13.04 -7.93 -1.91
C LEU A 421 -11.76 -7.71 -1.12
N LEU A 422 -11.40 -6.45 -0.89
CA LEU A 422 -10.11 -6.17 -0.30
C LEU A 422 -10.12 -6.37 1.22
N ILE A 423 -11.22 -6.04 1.90
CA ILE A 423 -11.32 -6.42 3.31
C ILE A 423 -11.75 -7.88 3.43
N GLY A 424 -12.30 -8.45 2.35
CA GLY A 424 -12.52 -9.88 2.32
C GLY A 424 -11.22 -10.65 2.32
N ILE A 425 -10.30 -10.26 1.43
CA ILE A 425 -8.99 -10.89 1.36
C ILE A 425 -8.17 -10.56 2.60
N SER A 426 -8.43 -9.42 3.23
CA SER A 426 -7.72 -9.05 4.44
C SER A 426 -8.06 -9.96 5.61
N GLU A 427 -9.35 -10.30 5.77
CA GLU A 427 -9.75 -11.20 6.83
C GLU A 427 -9.37 -12.64 6.54
N ILE A 428 -9.15 -12.97 5.27
CA ILE A 428 -8.58 -14.26 4.91
C ILE A 428 -7.17 -14.42 5.48
N PHE A 429 -6.40 -13.33 5.49
CA PHE A 429 -5.03 -13.37 6.00
C PHE A 429 -4.93 -12.92 7.44
N ALA A 430 -5.39 -11.72 7.76
CA ALA A 430 -5.10 -11.14 9.07
C ALA A 430 -5.97 -11.74 10.17
N SER A 431 -7.21 -12.12 9.86
CA SER A 431 -8.12 -12.55 10.92
C SER A 431 -7.85 -13.98 11.35
N ILE A 432 -7.53 -14.86 10.40
CA ILE A 432 -7.26 -16.24 10.75
C ILE A 432 -5.89 -16.37 11.39
N ALA A 433 -4.90 -15.63 10.89
CA ALA A 433 -3.57 -15.68 11.48
C ALA A 433 -3.50 -14.93 12.81
N GLY A 434 -4.46 -14.04 13.07
CA GLY A 434 -4.52 -13.41 14.39
C GLY A 434 -4.97 -14.37 15.46
N LEU A 435 -5.83 -15.32 15.11
CA LEU A 435 -6.22 -16.36 16.06
C LEU A 435 -5.10 -17.37 16.26
N GLU A 436 -4.28 -17.58 15.23
CA GLU A 436 -3.17 -18.53 15.34
C GLU A 436 -2.06 -17.98 16.22
N PHE A 437 -1.82 -16.68 16.15
CA PHE A 437 -0.76 -16.10 16.97
C PHE A 437 -1.15 -16.05 18.44
N ALA A 438 -2.42 -15.73 18.73
CA ALA A 438 -2.86 -15.67 20.12
C ALA A 438 -2.91 -17.05 20.76
N TYR A 439 -2.99 -18.10 19.95
CA TYR A 439 -3.00 -19.46 20.48
C TYR A 439 -1.59 -20.02 20.60
N SER A 440 -0.76 -19.85 19.58
CA SER A 440 0.56 -20.47 19.58
C SER A 440 1.53 -19.71 20.46
N ALA A 441 1.42 -18.39 20.48
CA ALA A 441 2.34 -17.56 21.26
C ALA A 441 1.74 -17.25 22.62
N ALA A 442 1.35 -18.32 23.32
CA ALA A 442 0.79 -18.19 24.65
C ALA A 442 1.33 -19.32 25.51
N PRO A 443 1.62 -19.07 26.78
CA PRO A 443 2.03 -20.18 27.66
C PRO A 443 0.88 -21.14 27.88
N LYS A 444 1.23 -22.39 28.19
CA LYS A 444 0.24 -23.45 28.31
C LYS A 444 -0.69 -23.23 29.49
N SER A 445 -0.18 -22.61 30.55
CA SER A 445 -1.01 -22.33 31.72
C SER A 445 -1.91 -21.14 31.48
N MET A 446 -1.49 -20.22 30.62
CA MET A 446 -2.20 -18.95 30.43
C MET A 446 -2.89 -18.84 29.08
N GLN A 447 -3.13 -19.95 28.38
CA GLN A 447 -4.02 -19.91 27.23
C GLN A 447 -5.43 -19.60 27.69
N SER A 448 -6.18 -18.91 26.81
CA SER A 448 -7.54 -18.37 26.96
C SER A 448 -7.60 -17.15 27.87
N ALA A 449 -6.52 -16.84 28.57
CA ALA A 449 -6.34 -15.53 29.17
C ALA A 449 -5.56 -14.60 28.26
N ILE A 450 -4.81 -15.19 27.31
CA ILE A 450 -4.20 -14.41 26.24
C ILE A 450 -5.23 -14.16 25.14
N MET A 451 -6.08 -15.16 24.85
CA MET A 451 -7.26 -14.93 24.03
C MET A 451 -8.19 -13.90 24.65
N GLY A 452 -8.26 -13.84 25.97
CA GLY A 452 -9.04 -12.80 26.60
C GLY A 452 -8.46 -11.42 26.41
N LEU A 453 -7.13 -11.29 26.55
CA LEU A 453 -6.49 -10.01 26.28
C LEU A 453 -6.51 -9.68 24.80
N PHE A 454 -6.53 -10.70 23.94
CA PHE A 454 -6.56 -10.45 22.50
C PHE A 454 -7.87 -9.83 22.07
N PHE A 455 -8.98 -10.23 22.70
CA PHE A 455 -10.25 -9.58 22.39
C PHE A 455 -10.52 -8.38 23.29
N PHE A 456 -9.72 -8.18 24.33
CA PHE A 456 -9.82 -6.93 25.07
C PHE A 456 -9.18 -5.78 24.29
N PHE A 457 -8.01 -6.01 23.70
CA PHE A 457 -7.40 -4.97 22.88
C PHE A 457 -8.11 -4.80 21.56
N SER A 458 -8.90 -5.79 21.14
CA SER A 458 -9.82 -5.60 20.04
C SER A 458 -10.89 -4.58 20.39
N GLY A 459 -11.29 -4.54 21.67
CA GLY A 459 -12.31 -3.60 22.08
C GLY A 459 -11.75 -2.23 22.40
N VAL A 460 -10.47 -2.17 22.80
CA VAL A 460 -9.80 -0.90 23.00
C VAL A 460 -9.67 -0.16 21.67
N GLY A 461 -9.37 -0.90 20.59
CA GLY A 461 -9.33 -0.29 19.28
C GLY A 461 -10.70 0.09 18.75
N SER A 462 -11.75 -0.51 19.30
CA SER A 462 -13.10 -0.16 18.87
C SER A 462 -13.55 1.16 19.48
N PHE A 463 -13.17 1.43 20.72
CA PHE A 463 -13.61 2.67 21.37
C PHE A 463 -12.70 3.84 21.02
N VAL A 464 -11.42 3.59 20.72
CA VAL A 464 -10.58 4.68 20.26
C VAL A 464 -10.87 4.95 18.79
N GLY A 465 -11.48 4.00 18.08
CA GLY A 465 -11.97 4.27 16.75
C GLY A 465 -13.23 5.11 16.77
N SER A 466 -14.09 4.90 17.78
CA SER A 466 -15.28 5.70 17.93
C SER A 466 -14.94 7.12 18.37
N GLY A 467 -13.83 7.28 19.11
CA GLY A 467 -13.37 8.60 19.46
C GLY A 467 -12.70 9.31 18.30
N LEU A 468 -12.23 8.54 17.31
CA LEU A 468 -11.70 9.14 16.10
C LEU A 468 -12.81 9.75 15.26
N LEU A 469 -13.98 9.10 15.24
CA LEU A 469 -15.12 9.64 14.52
C LEU A 469 -15.68 10.86 15.24
N ALA A 470 -15.53 10.91 16.56
CA ALA A 470 -15.93 12.09 17.30
C ALA A 470 -14.93 13.23 17.12
N LEU A 471 -13.69 12.91 16.76
CA LEU A 471 -12.70 13.95 16.53
C LEU A 471 -12.91 14.63 15.17
N VAL A 472 -13.24 13.86 14.14
CA VAL A 472 -13.48 14.44 12.82
C VAL A 472 -14.90 14.97 12.66
N SER A 473 -15.69 14.99 13.73
CA SER A 473 -17.04 15.52 13.68
C SER A 473 -17.15 16.90 14.32
N ILE A 474 -16.05 17.42 14.89
CA ILE A 474 -16.11 18.74 15.51
C ILE A 474 -16.16 19.82 14.44
N LYS A 475 -16.48 21.04 14.89
CA LYS A 475 -16.67 22.13 13.94
C LYS A 475 -15.36 22.62 13.35
N ALA A 476 -14.23 22.35 14.01
CA ALA A 476 -12.95 22.81 13.50
C ALA A 476 -12.50 21.98 12.30
N ILE A 477 -12.88 20.72 12.25
CA ILE A 477 -12.51 19.84 11.13
C ILE A 477 -13.70 19.74 10.19
N GLY A 478 -14.85 19.35 10.73
CA GLY A 478 -16.07 19.40 9.96
C GLY A 478 -16.24 18.32 8.92
N TRP A 479 -15.57 17.19 9.07
CA TRP A 479 -15.77 16.11 8.11
C TRP A 479 -17.06 15.35 8.40
N MET A 480 -17.47 15.30 9.67
CA MET A 480 -18.71 14.63 10.05
C MET A 480 -19.61 15.53 10.88
N SER A 481 -19.79 16.78 10.43
CA SER A 481 -20.63 17.71 11.15
C SER A 481 -22.12 17.38 11.04
N SER A 482 -22.52 16.59 10.05
CA SER A 482 -23.92 16.22 9.87
C SER A 482 -24.09 14.71 9.75
N GLY A 487 -28.97 11.79 9.75
CA GLY A 487 -28.68 10.56 9.03
C GLY A 487 -28.25 10.81 7.60
N ASN A 488 -27.76 12.00 7.32
CA ASN A 488 -27.35 12.37 5.96
C ASN A 488 -25.85 12.63 5.93
N ILE A 489 -25.17 12.01 4.98
CA ILE A 489 -23.73 12.21 4.79
C ILE A 489 -23.42 12.94 3.49
N ASN A 490 -24.44 13.40 2.77
CA ASN A 490 -24.21 14.10 1.52
C ASN A 490 -23.59 15.47 1.73
N GLY A 491 -23.75 16.06 2.91
CA GLY A 491 -23.03 17.25 3.30
C GLY A 491 -21.79 16.97 4.11
N CYS A 492 -21.44 15.70 4.30
CA CYS A 492 -20.23 15.32 5.02
C CYS A 492 -19.15 14.95 4.02
N TYR A 493 -17.90 14.99 4.46
CA TYR A 493 -16.79 14.55 3.63
C TYR A 493 -16.31 13.19 4.12
N LEU A 494 -17.01 12.16 3.67
CA LEU A 494 -16.69 10.80 4.08
C LEU A 494 -15.46 10.28 3.34
N ASN A 495 -15.18 10.80 2.14
CA ASN A 495 -14.00 10.37 1.40
C ASN A 495 -12.71 10.84 2.06
N TYR A 496 -12.74 11.98 2.75
CA TYR A 496 -11.57 12.44 3.48
C TYR A 496 -11.32 11.58 4.71
N TYR A 497 -12.37 10.92 5.19
CA TYR A 497 -12.22 10.06 6.36
C TYR A 497 -11.71 8.69 5.98
N PHE A 498 -12.01 8.22 4.77
CA PHE A 498 -11.41 6.97 4.30
C PHE A 498 -9.95 7.14 3.96
N PHE A 499 -9.57 8.34 3.51
CA PHE A 499 -8.17 8.61 3.22
C PHE A 499 -7.35 8.74 4.50
N LEU A 500 -7.99 9.21 5.57
CA LEU A 500 -7.33 9.22 6.87
C LEU A 500 -7.15 7.81 7.40
N LEU A 501 -8.12 6.93 7.17
CA LEU A 501 -8.01 5.56 7.62
C LEU A 501 -6.98 4.79 6.80
N ALA A 502 -6.75 5.20 5.56
CA ALA A 502 -5.69 4.60 4.76
C ALA A 502 -4.32 5.05 5.24
N ALA A 503 -4.23 6.27 5.77
CA ALA A 503 -2.95 6.77 6.27
C ALA A 503 -2.63 6.18 7.63
N ILE A 504 -3.65 5.95 8.47
CA ILE A 504 -3.44 5.32 9.76
C ILE A 504 -3.07 3.85 9.56
N GLN A 505 -3.67 3.19 8.57
CA GLN A 505 -3.36 1.79 8.30
C GLN A 505 -1.97 1.63 7.69
N GLY A 506 -1.54 2.59 6.87
CA GLY A 506 -0.21 2.50 6.29
C GLY A 506 0.89 2.72 7.31
N ALA A 507 0.65 3.58 8.30
CA ALA A 507 1.62 3.74 9.38
C ALA A 507 1.55 2.56 10.33
N THR A 508 0.41 1.90 10.42
CA THR A 508 0.28 0.71 11.26
C THR A 508 0.99 -0.47 10.63
N LEU A 509 0.98 -0.56 9.30
CA LEU A 509 1.69 -1.61 8.59
C LEU A 509 3.20 -1.50 8.80
N LEU A 510 3.72 -0.28 8.73
CA LEU A 510 5.16 -0.08 8.89
C LEU A 510 5.57 -0.29 10.34
N LEU A 511 4.68 0.04 11.28
CA LEU A 511 4.95 -0.23 12.68
C LEU A 511 4.90 -1.72 12.98
N PHE A 512 3.98 -2.44 12.35
CA PHE A 512 3.78 -3.84 12.67
C PHE A 512 4.91 -4.70 12.11
N LEU A 513 5.51 -4.29 10.99
CA LEU A 513 6.62 -5.03 10.42
C LEU A 513 7.85 -4.94 11.30
N ILE A 514 8.03 -3.82 12.00
CA ILE A 514 9.15 -3.68 12.92
C ILE A 514 8.93 -4.52 14.18
N ILE A 515 7.69 -4.52 14.67
CA ILE A 515 7.35 -5.32 15.86
C ILE A 515 7.42 -6.81 15.53
N SER A 516 7.04 -7.18 14.30
CA SER A 516 7.06 -8.59 13.91
C SER A 516 8.47 -9.14 13.80
N VAL A 517 9.42 -8.33 13.34
CA VAL A 517 10.80 -8.78 13.25
C VAL A 517 11.44 -8.79 14.63
N LYS A 518 11.15 -7.78 15.45
CA LYS A 518 11.74 -7.72 16.79
C LYS A 518 11.09 -8.74 17.72
N TYR A 519 9.92 -9.27 17.35
CA TYR A 519 9.38 -10.41 18.08
C TYR A 519 10.19 -11.66 17.82
N ASP A 520 10.47 -11.96 16.55
CA ASP A 520 11.26 -13.12 16.20
C ASP A 520 12.73 -12.89 16.51
N ARG B 18 29.51 -7.38 18.93
CA ARG B 18 29.13 -8.56 18.16
C ARG B 18 29.41 -8.35 16.68
N ARG B 19 28.61 -9.02 15.83
CA ARG B 19 28.76 -8.84 14.39
C ARG B 19 28.18 -7.50 13.95
N ALA B 20 27.25 -6.94 14.73
CA ALA B 20 26.70 -5.63 14.41
C ALA B 20 27.71 -4.53 14.70
N ALA B 21 28.62 -4.77 15.64
CA ALA B 21 29.68 -3.79 15.90
C ALA B 21 30.75 -3.87 14.82
N ALA B 22 30.97 -5.06 14.25
CA ALA B 22 31.94 -5.19 13.17
C ALA B 22 31.42 -4.59 11.88
N ALA B 23 30.10 -4.58 11.70
CA ALA B 23 29.52 -3.92 10.54
C ALA B 23 29.49 -2.40 10.72
N ALA B 24 29.30 -1.94 11.96
CA ALA B 24 29.32 -0.51 12.23
C ALA B 24 30.75 0.02 12.20
N ALA B 25 31.74 -0.84 12.42
CA ALA B 25 33.13 -0.44 12.28
C ALA B 25 33.49 -0.30 10.80
N ALA B 26 32.86 -1.10 9.95
CA ALA B 26 33.06 -0.94 8.51
C ALA B 26 32.25 0.23 7.96
N ALA B 27 31.31 0.76 8.75
CA ALA B 27 30.59 1.95 8.33
C ALA B 27 31.47 3.18 8.35
N GLY B 28 32.54 3.16 9.14
CA GLY B 28 33.58 4.17 9.04
C GLY B 28 34.46 3.91 7.83
N ALA B 29 33.90 4.18 6.66
CA ALA B 29 34.45 3.67 5.41
C ALA B 29 35.14 4.78 4.63
N PHE B 30 35.69 4.37 3.49
CA PHE B 30 36.54 5.02 2.49
C PHE B 30 37.95 5.28 3.02
N ALA B 31 38.11 5.55 4.32
CA ALA B 31 39.23 5.31 5.22
C ALA B 31 40.63 5.75 4.77
N GLY B 32 40.89 5.71 3.47
CA GLY B 32 41.97 6.51 2.89
C GLY B 32 41.68 6.85 1.45
N ARG B 33 40.62 6.26 0.90
CA ARG B 33 40.32 6.30 -0.54
C ARG B 33 39.34 7.43 -0.81
N ARG B 34 39.65 8.63 -0.32
CA ARG B 34 38.82 9.78 -0.58
C ARG B 34 39.02 10.35 -1.98
N ALA B 35 40.24 10.33 -2.50
CA ALA B 35 40.49 10.87 -3.84
C ALA B 35 40.19 9.85 -4.92
N ALA B 36 40.21 8.57 -4.58
CA ALA B 36 39.85 7.54 -5.55
C ALA B 36 38.36 7.55 -5.82
N CYS B 37 37.54 7.59 -4.75
CA CYS B 37 36.09 7.64 -4.93
C CYS B 37 35.64 9.02 -5.36
N GLY B 38 36.32 10.06 -4.88
CA GLY B 38 35.90 11.41 -5.18
C GLY B 38 36.12 11.82 -6.63
N ALA B 39 37.04 11.14 -7.32
CA ALA B 39 37.20 11.36 -8.75
C ALA B 39 36.08 10.71 -9.53
N VAL B 40 35.47 9.67 -8.96
CA VAL B 40 34.36 8.99 -9.61
C VAL B 40 33.06 9.77 -9.38
N LEU B 41 32.91 10.34 -8.19
CA LEU B 41 31.72 11.14 -7.89
C LEU B 41 31.71 12.43 -8.69
N LEU B 42 32.88 13.04 -8.89
CA LEU B 42 32.94 14.30 -9.63
C LEU B 42 32.81 14.06 -11.12
N THR B 43 33.22 12.89 -11.62
CA THR B 43 33.07 12.58 -13.03
C THR B 43 31.60 12.36 -13.38
N GLU B 44 30.86 11.66 -12.52
CA GLU B 44 29.44 11.41 -12.79
C GLU B 44 28.59 12.65 -12.51
N LEU B 45 29.06 13.53 -11.64
CA LEU B 45 28.39 14.81 -11.43
C LEU B 45 28.47 15.68 -12.68
N LEU B 46 29.60 15.61 -13.40
CA LEU B 46 29.77 16.44 -14.59
C LEU B 46 29.21 15.75 -15.81
N GLU B 47 28.96 14.45 -15.72
CA GLU B 47 28.37 13.74 -16.84
C GLU B 47 26.85 13.84 -16.81
N ARG B 48 26.26 13.87 -15.62
CA ARG B 48 24.83 14.12 -15.51
C ARG B 48 24.50 15.58 -15.79
N ALA B 49 25.46 16.47 -15.53
CA ALA B 49 25.26 17.89 -15.84
C ALA B 49 25.25 18.12 -17.35
N ALA B 50 25.91 17.24 -18.09
CA ALA B 50 25.95 17.39 -19.55
C ALA B 50 24.82 16.64 -20.22
N PHE B 51 24.25 15.64 -19.54
CA PHE B 51 23.15 14.90 -20.11
C PHE B 51 21.86 15.72 -20.10
N TYR B 52 21.62 16.46 -19.02
CA TYR B 52 20.43 17.29 -18.96
C TYR B 52 20.66 18.63 -19.63
N GLY B 53 21.88 18.92 -20.06
CA GLY B 53 22.10 20.05 -20.94
C GLY B 53 21.54 19.79 -22.32
N ILE B 54 21.55 18.53 -22.76
CA ILE B 54 20.98 18.16 -24.04
C ILE B 54 19.48 17.94 -23.92
N THR B 55 19.06 17.16 -22.92
CA THR B 55 17.71 16.60 -22.90
C THR B 55 16.65 17.65 -22.58
N SER B 56 17.01 18.70 -21.83
CA SER B 56 16.01 19.62 -21.29
C SER B 56 15.42 20.51 -22.37
N ASN B 57 16.25 21.07 -23.25
CA ASN B 57 15.78 21.98 -24.28
C ASN B 57 16.18 21.52 -25.68
N LEU B 58 16.10 20.21 -25.94
CA LEU B 58 16.42 19.73 -27.29
C LEU B 58 15.27 20.03 -28.25
N VAL B 59 14.03 19.86 -27.80
CA VAL B 59 12.88 20.06 -28.67
C VAL B 59 12.69 21.54 -28.97
N LEU B 60 12.98 22.40 -28.00
CA LEU B 60 12.92 23.84 -28.22
C LEU B 60 14.02 24.30 -29.17
N PHE B 61 15.17 23.62 -29.14
CA PHE B 61 16.28 23.99 -30.01
C PHE B 61 16.02 23.55 -31.45
N LEU B 62 15.52 22.32 -31.62
CA LEU B 62 15.30 21.80 -32.97
C LEU B 62 14.06 22.42 -33.61
N ASN B 63 13.06 22.77 -32.81
CA ASN B 63 11.87 23.47 -33.29
C ASN B 63 12.04 24.94 -32.92
N GLY B 64 12.91 25.62 -33.65
CA GLY B 64 13.26 26.99 -33.32
C GLY B 64 13.53 27.84 -34.54
N ALA B 65 14.36 28.86 -34.36
CA ALA B 65 14.66 29.80 -35.44
C ALA B 65 15.73 29.29 -36.43
N PRO B 66 16.86 28.69 -36.03
CA PRO B 66 17.74 28.15 -37.08
C PRO B 66 17.20 26.89 -37.73
N PHE B 67 16.62 25.99 -36.95
CA PHE B 67 16.13 24.71 -37.45
C PHE B 67 14.61 24.76 -37.46
N CYS B 68 14.01 24.48 -38.60
CA CYS B 68 12.57 24.61 -38.79
C CYS B 68 11.85 23.28 -38.73
N TRP B 69 12.25 22.40 -37.81
CA TRP B 69 11.64 21.08 -37.74
C TRP B 69 10.26 21.16 -37.12
N GLU B 70 9.41 20.20 -37.48
CA GLU B 70 8.09 20.11 -36.88
C GLU B 70 8.17 19.60 -35.45
N GLY B 71 7.04 19.68 -34.75
CA GLY B 71 7.01 19.24 -33.36
C GLY B 71 7.12 17.74 -33.22
N ALA B 72 6.65 16.99 -34.22
CA ALA B 72 6.76 15.55 -34.17
C ALA B 72 8.19 15.10 -34.47
N GLN B 73 8.88 15.80 -35.38
CA GLN B 73 10.23 15.39 -35.75
C GLN B 73 11.24 15.77 -34.68
N ALA B 74 10.95 16.79 -33.88
CA ALA B 74 11.83 17.13 -32.78
C ALA B 74 11.62 16.19 -31.60
N SER B 75 10.40 15.67 -31.44
CA SER B 75 10.13 14.75 -30.34
C SER B 75 10.61 13.35 -30.65
N GLU B 76 10.58 12.95 -31.92
CA GLU B 76 11.07 11.63 -32.29
C GLU B 76 12.59 11.59 -32.32
N ALA B 77 13.24 12.75 -32.45
CA ALA B 77 14.69 12.78 -32.35
C ALA B 77 15.15 12.61 -30.92
N LEU B 78 14.39 13.13 -29.96
CA LEU B 78 14.72 12.92 -28.56
C LEU B 78 14.33 11.52 -28.11
N LEU B 79 13.33 10.91 -28.76
CA LEU B 79 12.91 9.58 -28.35
C LEU B 79 13.88 8.52 -28.86
N LEU B 80 14.49 8.75 -30.02
CA LEU B 80 15.52 7.85 -30.49
C LEU B 80 16.84 8.10 -29.77
N PHE B 81 17.02 9.30 -29.24
CA PHE B 81 18.20 9.60 -28.44
C PHE B 81 18.13 8.92 -27.07
N MET B 82 16.97 9.00 -26.42
CA MET B 82 16.83 8.38 -25.10
C MET B 82 16.87 6.86 -25.21
N GLY B 83 16.28 6.31 -26.27
CA GLY B 83 16.31 4.88 -26.46
C GLY B 83 17.69 4.33 -26.79
N LEU B 84 18.56 5.19 -27.33
CA LEU B 84 19.91 4.75 -27.63
C LEU B 84 20.77 4.71 -26.37
N THR B 85 20.38 5.48 -25.34
CA THR B 85 21.10 5.41 -24.06
C THR B 85 20.74 4.16 -23.27
N TYR B 86 19.65 3.48 -23.62
CA TYR B 86 19.31 2.23 -22.96
C TYR B 86 19.69 1.03 -23.81
N LEU B 87 19.60 1.16 -25.13
CA LEU B 87 19.93 0.04 -26.02
C LEU B 87 21.42 -0.25 -26.03
N GLY B 88 22.25 0.77 -25.93
CA GLY B 88 23.69 0.58 -26.00
C GLY B 88 24.36 0.19 -24.71
N SER B 89 23.61 0.11 -23.61
CA SER B 89 24.21 -0.24 -22.33
C SER B 89 24.73 -1.68 -22.23
N PRO B 90 24.04 -2.74 -22.71
CA PRO B 90 24.67 -4.06 -22.65
C PRO B 90 25.87 -4.21 -23.57
N PHE B 91 25.87 -3.50 -24.70
CA PHE B 91 26.99 -3.58 -25.62
C PHE B 91 28.16 -2.72 -25.18
N GLY B 92 27.88 -1.62 -24.48
CA GLY B 92 28.95 -0.80 -23.96
C GLY B 92 29.58 -1.39 -22.71
N GLY B 93 28.89 -2.35 -22.09
CA GLY B 93 29.45 -3.00 -20.92
C GLY B 93 30.12 -4.31 -21.25
N TRP B 94 29.60 -5.02 -22.26
CA TRP B 94 30.26 -6.23 -22.74
C TRP B 94 31.59 -5.90 -23.39
N LEU B 95 31.67 -4.73 -24.03
CA LEU B 95 32.94 -4.29 -24.61
C LEU B 95 33.95 -3.93 -23.53
N ALA B 96 33.49 -3.59 -22.33
CA ALA B 96 34.38 -3.34 -21.21
C ALA B 96 34.77 -4.60 -20.47
N ASP B 97 34.23 -5.75 -20.86
CA ASP B 97 34.62 -7.03 -20.28
C ASP B 97 35.47 -7.87 -21.21
N ALA B 98 35.05 -8.00 -22.47
CA ALA B 98 35.72 -8.87 -23.42
C ALA B 98 37.00 -8.25 -23.97
N ARG B 99 36.95 -6.99 -24.38
CA ARG B 99 38.06 -6.38 -25.11
C ARG B 99 38.84 -5.37 -24.28
N LEU B 100 38.20 -4.33 -23.77
CA LEU B 100 38.88 -3.28 -23.03
C LEU B 100 38.68 -3.53 -21.54
N GLY B 101 39.31 -2.69 -20.73
CA GLY B 101 39.07 -2.73 -19.30
C GLY B 101 37.87 -1.91 -18.91
N ARG B 102 37.89 -1.39 -17.68
CA ARG B 102 36.87 -0.42 -17.31
C ARG B 102 37.35 0.99 -17.60
N ALA B 103 38.51 1.36 -17.09
CA ALA B 103 38.99 2.74 -17.20
C ALA B 103 39.33 3.10 -18.63
N ARG B 104 39.71 2.11 -19.44
CA ARG B 104 39.93 2.38 -20.86
C ARG B 104 38.62 2.44 -21.63
N ALA B 105 37.54 1.93 -21.03
CA ALA B 105 36.25 1.98 -21.72
C ALA B 105 35.52 3.27 -21.39
N ILE B 106 35.77 3.85 -20.22
CA ILE B 106 35.10 5.10 -19.90
C ILE B 106 35.83 6.27 -20.51
N LEU B 107 37.16 6.19 -20.61
CA LEU B 107 37.93 7.22 -21.30
C LEU B 107 37.67 7.20 -22.80
N LEU B 108 37.41 6.02 -23.36
CA LEU B 108 37.04 5.95 -24.77
C LEU B 108 35.65 6.53 -25.00
N SER B 109 34.73 6.26 -24.07
CA SER B 109 33.36 6.71 -24.26
C SER B 109 33.23 8.21 -24.01
N LEU B 110 33.92 8.74 -22.99
CA LEU B 110 33.88 10.17 -22.71
C LEU B 110 34.60 10.98 -23.78
N ALA B 111 35.48 10.34 -24.55
CA ALA B 111 36.03 10.99 -25.74
C ALA B 111 34.97 11.08 -26.83
N LEU B 112 34.19 10.01 -27.00
CA LEU B 112 33.10 10.04 -27.97
C LEU B 112 31.92 10.84 -27.44
N TYR B 113 31.78 10.92 -26.12
CA TYR B 113 30.73 11.74 -25.53
C TYR B 113 31.10 13.21 -25.57
N LEU B 114 32.36 13.52 -25.84
CA LEU B 114 32.76 14.92 -26.06
C LEU B 114 32.69 15.30 -27.53
N LEU B 115 32.90 14.32 -28.41
CA LEU B 115 32.91 14.61 -29.85
C LEU B 115 31.52 14.91 -30.37
N GLY B 116 30.52 14.13 -29.93
CA GLY B 116 29.15 14.43 -30.32
C GLY B 116 28.58 15.64 -29.60
N MET B 117 29.08 15.91 -28.39
CA MET B 117 28.60 17.06 -27.62
C MET B 117 29.07 18.36 -28.23
N LEU B 118 30.21 18.33 -28.93
CA LEU B 118 30.81 19.52 -29.51
C LEU B 118 30.01 20.08 -30.68
N ALA B 119 29.14 19.27 -31.29
CA ALA B 119 28.36 19.74 -32.44
C ALA B 119 27.26 20.70 -32.02
N PHE B 120 26.85 20.64 -30.76
CA PHE B 120 25.74 21.47 -30.31
C PHE B 120 26.10 22.95 -30.07
N PRO B 121 27.28 23.32 -29.57
CA PRO B 121 27.64 24.75 -29.65
C PRO B 121 27.95 25.21 -31.06
N LEU B 122 28.33 24.29 -31.95
CA LEU B 122 28.65 24.69 -33.32
C LEU B 122 27.39 24.95 -34.14
N LEU B 123 26.34 24.17 -33.90
CA LEU B 123 25.08 24.43 -34.58
C LEU B 123 24.35 25.63 -34.00
N ALA B 124 24.59 25.93 -32.72
CA ALA B 124 23.93 27.06 -32.09
C ALA B 124 24.53 28.38 -32.55
N ALA B 125 25.82 28.38 -32.83
CA ALA B 125 26.49 29.61 -33.26
C ALA B 125 26.17 29.90 -34.72
N PRO B 126 25.86 31.16 -35.08
CA PRO B 126 25.55 31.44 -36.48
C PRO B 126 26.78 31.45 -37.38
N ALA B 127 27.96 31.62 -36.82
CA ALA B 127 29.17 31.64 -37.63
C ALA B 127 29.56 30.24 -38.10
N THR B 128 29.51 29.26 -37.19
CA THR B 128 29.94 27.91 -37.47
C THR B 128 28.82 27.00 -37.95
N ARG B 129 27.58 27.51 -38.05
CA ARG B 129 26.48 26.69 -38.52
C ARG B 129 26.59 26.40 -40.02
N ALA B 130 27.08 27.38 -40.79
CA ALA B 130 27.16 27.20 -42.24
C ALA B 130 28.29 26.27 -42.64
N ALA B 131 29.28 26.07 -41.76
CA ALA B 131 30.39 25.18 -42.06
C ALA B 131 29.95 23.73 -42.00
N LEU B 132 29.01 23.40 -41.11
CA LEU B 132 28.58 22.02 -40.97
C LEU B 132 27.48 21.68 -41.97
N CYS B 133 26.44 22.51 -42.05
CA CYS B 133 25.23 22.18 -42.81
C CYS B 133 24.68 23.37 -43.57
N GLY B 134 25.55 24.24 -44.08
CA GLY B 134 25.09 25.41 -44.79
C GLY B 134 24.45 25.09 -46.13
N SER B 135 24.96 24.08 -46.81
CA SER B 135 24.39 23.64 -48.09
C SER B 135 24.68 22.16 -48.33
N ALA B 150 12.55 19.04 -45.84
CA ALA B 150 12.01 18.70 -44.53
C ALA B 150 12.97 19.12 -43.41
N ARG B 151 13.86 18.22 -43.03
CA ARG B 151 14.84 18.52 -41.99
C ARG B 151 15.96 19.36 -42.56
N CYS B 152 16.42 20.34 -41.77
CA CYS B 152 17.40 21.29 -42.27
C CYS B 152 18.82 20.74 -42.17
N CYS B 153 19.25 20.37 -40.98
CA CYS B 153 20.64 19.97 -40.71
C CYS B 153 20.69 18.59 -40.10
N SER B 154 19.99 17.64 -40.72
CA SER B 154 19.93 16.28 -40.18
C SER B 154 21.25 15.49 -40.18
N PRO B 155 22.21 15.64 -41.13
CA PRO B 155 23.48 14.91 -40.93
C PRO B 155 24.31 15.40 -39.76
N ALA B 156 24.26 16.70 -39.45
CA ALA B 156 25.07 17.21 -38.35
C ALA B 156 24.40 16.98 -37.00
N THR B 157 23.07 16.88 -37.00
CA THR B 157 22.34 16.77 -35.73
C THR B 157 22.25 15.32 -35.27
N PHE B 158 21.87 14.41 -36.18
CA PHE B 158 21.70 13.02 -35.79
C PHE B 158 23.03 12.33 -35.51
N ALA B 159 24.12 12.81 -36.14
CA ALA B 159 25.44 12.25 -35.83
C ALA B 159 25.90 12.67 -34.45
N GLY B 160 25.47 13.85 -34.00
CA GLY B 160 25.82 14.28 -32.66
C GLY B 160 25.00 13.57 -31.60
N LEU B 161 23.80 13.12 -31.95
CA LEU B 161 22.96 12.41 -30.99
C LEU B 161 23.43 10.96 -30.82
N VAL B 162 24.04 10.40 -31.85
CA VAL B 162 24.52 9.02 -31.76
C VAL B 162 25.73 8.92 -30.84
N LEU B 163 26.67 9.85 -30.99
CA LEU B 163 27.89 9.79 -30.18
C LEU B 163 27.63 10.15 -28.72
N VAL B 164 26.70 11.07 -28.47
CA VAL B 164 26.30 11.38 -27.10
C VAL B 164 25.48 10.25 -26.53
N GLY B 165 24.60 9.64 -27.35
CA GLY B 165 23.75 8.57 -26.86
C GLY B 165 24.51 7.29 -26.57
N LEU B 166 25.51 6.98 -27.39
CA LEU B 166 26.37 5.83 -27.10
C LEU B 166 27.38 6.16 -26.01
N GLY B 167 27.63 7.45 -25.79
CA GLY B 167 28.52 7.84 -24.70
C GLY B 167 27.86 7.70 -23.34
N VAL B 168 26.56 8.00 -23.26
CA VAL B 168 25.83 7.87 -22.00
C VAL B 168 25.66 6.40 -21.63
N ALA B 169 25.37 5.56 -22.63
CA ALA B 169 25.09 4.15 -22.37
C ALA B 169 26.33 3.40 -21.93
N THR B 170 27.50 3.79 -22.45
CA THR B 170 28.73 3.11 -22.09
C THR B 170 29.25 3.58 -20.73
N VAL B 171 29.04 4.86 -20.40
CA VAL B 171 29.45 5.37 -19.09
C VAL B 171 28.60 4.76 -17.99
N LYS B 172 27.27 4.79 -18.15
CA LYS B 172 26.35 4.31 -17.12
C LYS B 172 26.54 2.82 -16.83
N ALA B 173 26.84 2.04 -17.87
CA ALA B 173 27.15 0.64 -17.67
C ALA B 173 28.46 0.43 -16.93
N ASN B 174 29.42 1.34 -17.07
CA ASN B 174 30.77 1.11 -16.58
C ASN B 174 31.17 1.97 -15.40
N ILE B 175 30.56 3.14 -15.19
CA ILE B 175 30.97 3.97 -14.07
C ILE B 175 30.34 3.46 -12.77
N THR B 176 29.26 2.69 -12.88
CA THR B 176 28.62 2.18 -11.66
C THR B 176 29.35 1.00 -11.01
N PRO B 177 29.95 -0.01 -11.74
CA PRO B 177 30.75 -0.99 -11.01
C PRO B 177 32.13 -0.45 -10.64
N PHE B 178 32.68 0.41 -11.50
CA PHE B 178 34.05 0.88 -11.33
C PHE B 178 34.20 1.74 -10.09
N GLY B 179 33.18 2.52 -9.77
CA GLY B 179 33.24 3.30 -8.55
C GLY B 179 33.11 2.46 -7.31
N ALA B 180 32.34 1.38 -7.39
CA ALA B 180 32.20 0.45 -6.28
C ALA B 180 33.39 -0.51 -6.17
N ASP B 181 34.26 -0.55 -7.18
CA ASP B 181 35.45 -1.40 -7.10
C ASP B 181 36.51 -0.81 -6.21
N GLN B 182 36.43 0.49 -5.92
CA GLN B 182 37.40 1.09 -5.01
C GLN B 182 37.14 0.66 -3.57
N VAL B 183 35.88 0.66 -3.15
CA VAL B 183 35.52 0.24 -1.81
C VAL B 183 34.99 -1.17 -1.74
N LYS B 184 35.31 -2.00 -2.74
CA LYS B 184 34.89 -3.40 -2.71
C LYS B 184 35.61 -4.18 -1.63
N ASP B 185 36.83 -3.75 -1.28
CA ASP B 185 37.66 -4.45 -0.31
C ASP B 185 37.03 -4.43 1.09
N ARG B 186 36.32 -3.36 1.43
CA ARG B 186 35.76 -3.25 2.76
C ARG B 186 34.33 -3.77 2.85
N GLY B 187 34.09 -4.99 2.34
CA GLY B 187 32.83 -5.66 2.51
C GLY B 187 31.69 -5.11 1.67
N PRO B 188 30.52 -5.74 1.77
CA PRO B 188 29.33 -5.26 1.05
C PRO B 188 28.60 -4.09 1.71
N GLU B 189 29.15 -3.55 2.80
CA GLU B 189 28.53 -2.42 3.49
C GLU B 189 29.17 -1.11 3.08
N ALA B 190 30.46 -1.13 2.71
CA ALA B 190 31.10 0.09 2.21
C ALA B 190 30.64 0.41 0.79
N THR B 191 30.27 -0.61 0.03
CA THR B 191 29.69 -0.35 -1.29
C THR B 191 28.30 0.22 -1.19
N ARG B 192 27.53 -0.14 -0.17
CA ARG B 192 26.26 0.53 0.13
C ARG B 192 26.44 2.01 0.41
N ARG B 193 27.50 2.38 1.14
CA ARG B 193 27.73 3.79 1.39
C ARG B 193 28.29 4.50 0.16
N PHE B 194 28.85 3.77 -0.79
CA PHE B 194 29.27 4.42 -2.03
C PHE B 194 28.06 4.81 -2.87
N PHE B 195 27.12 3.89 -3.05
CA PHE B 195 25.95 4.17 -3.87
C PHE B 195 24.99 5.17 -3.22
N ASN B 196 25.15 5.49 -1.95
CA ASN B 196 24.42 6.61 -1.39
C ASN B 196 24.94 7.93 -1.95
N TRP B 197 26.25 8.09 -1.98
CA TRP B 197 26.83 9.34 -2.45
C TRP B 197 27.08 9.33 -3.95
N PHE B 198 27.06 8.16 -4.58
CA PHE B 198 27.06 8.11 -6.03
C PHE B 198 25.72 8.57 -6.58
N TYR B 199 24.63 8.18 -5.93
CA TYR B 199 23.31 8.61 -6.38
C TYR B 199 23.03 10.03 -5.91
N TRP B 200 23.78 10.51 -4.93
CA TRP B 200 23.65 11.90 -4.50
C TRP B 200 24.24 12.85 -5.53
N SER B 201 25.36 12.46 -6.15
CA SER B 201 26.04 13.33 -7.09
C SER B 201 25.41 13.26 -8.47
N ILE B 202 24.64 12.20 -8.73
CA ILE B 202 23.79 12.17 -9.92
C ILE B 202 22.71 13.24 -9.82
N ASN B 203 22.06 13.32 -8.66
CA ASN B 203 21.02 14.30 -8.47
C ASN B 203 21.56 15.71 -8.29
N LEU B 204 22.79 15.85 -7.75
CA LEU B 204 23.39 17.18 -7.67
C LEU B 204 23.79 17.69 -9.05
N GLY B 205 24.24 16.79 -9.92
CA GLY B 205 24.52 17.19 -11.29
C GLY B 205 23.28 17.52 -12.07
N ALA B 206 22.13 16.97 -11.66
CA ALA B 206 20.88 17.27 -12.34
C ALA B 206 20.34 18.62 -11.92
N ILE B 207 20.55 19.02 -10.66
CA ILE B 207 20.10 20.33 -10.19
C ILE B 207 20.90 21.45 -10.85
N LEU B 208 22.21 21.24 -11.03
CA LEU B 208 23.04 22.26 -11.63
C LEU B 208 22.77 22.40 -13.12
N SER B 209 22.25 21.35 -13.75
CA SER B 209 21.99 21.41 -15.18
C SER B 209 20.57 21.87 -15.47
N LEU B 210 19.58 21.25 -14.83
CA LEU B 210 18.20 21.64 -15.05
C LEU B 210 17.87 22.99 -14.45
N GLY B 211 18.61 23.42 -13.43
CA GLY B 211 18.38 24.72 -12.83
C GLY B 211 19.14 25.83 -13.52
N GLY B 212 20.44 25.67 -13.64
CA GLY B 212 21.28 26.72 -14.19
C GLY B 212 21.41 26.71 -15.70
N ILE B 213 21.74 25.55 -16.27
CA ILE B 213 22.03 25.47 -17.70
C ILE B 213 20.75 25.60 -18.51
N ALA B 214 19.66 24.99 -18.05
CA ALA B 214 18.39 25.07 -18.76
C ALA B 214 17.79 26.47 -18.71
N TYR B 215 18.16 27.28 -17.71
CA TYR B 215 17.76 28.68 -17.71
C TYR B 215 18.52 29.48 -18.75
N ILE B 216 19.81 29.15 -18.93
CA ILE B 216 20.64 29.89 -19.87
C ILE B 216 20.27 29.54 -21.30
N GLN B 217 19.95 28.27 -21.56
CA GLN B 217 19.64 27.81 -22.90
C GLN B 217 18.38 28.45 -23.46
N GLN B 218 17.43 28.79 -22.60
CA GLN B 218 16.17 29.35 -23.07
C GLN B 218 16.15 30.88 -23.03
N ASN B 219 16.78 31.50 -22.04
CA ASN B 219 16.60 32.92 -21.81
C ASN B 219 17.84 33.75 -22.13
N VAL B 220 19.03 33.16 -22.09
CA VAL B 220 20.23 33.92 -22.39
C VAL B 220 20.67 33.67 -23.83
N SER B 221 21.09 32.44 -24.13
CA SER B 221 21.63 32.05 -25.42
C SER B 221 21.75 30.54 -25.49
N PHE B 222 21.56 30.00 -26.69
CA PHE B 222 21.91 28.60 -26.92
C PHE B 222 23.40 28.42 -27.13
N VAL B 223 24.11 29.47 -27.53
CA VAL B 223 25.54 29.37 -27.77
C VAL B 223 26.28 29.23 -26.44
N THR B 224 25.97 30.11 -25.49
CA THR B 224 26.50 29.94 -24.14
C THR B 224 25.88 28.71 -23.47
N GLY B 225 24.60 28.47 -23.73
CA GLY B 225 23.87 27.42 -23.03
C GLY B 225 24.26 26.01 -23.42
N TYR B 226 24.83 25.80 -24.61
CA TYR B 226 25.39 24.50 -24.95
C TYR B 226 26.90 24.44 -24.79
N ALA B 227 27.57 25.58 -24.63
CA ALA B 227 29.00 25.55 -24.38
C ALA B 227 29.30 25.15 -22.95
N ILE B 228 28.35 25.40 -22.03
CA ILE B 228 28.56 25.00 -20.63
C ILE B 228 28.56 23.48 -20.44
N PRO B 229 27.62 22.70 -21.00
CA PRO B 229 27.73 21.25 -20.80
C PRO B 229 28.83 20.60 -21.61
N THR B 230 29.36 21.27 -22.63
CA THR B 230 30.48 20.69 -23.37
C THR B 230 31.77 20.81 -22.57
N VAL B 231 31.88 21.89 -21.81
CA VAL B 231 32.98 22.02 -20.86
C VAL B 231 32.82 21.02 -19.72
N CYS B 232 31.58 20.66 -19.38
CA CYS B 232 31.34 19.67 -18.32
C CYS B 232 31.73 18.26 -18.77
N VAL B 233 31.73 17.99 -20.08
CA VAL B 233 32.26 16.71 -20.54
C VAL B 233 33.78 16.73 -20.48
N GLY B 234 34.39 17.83 -20.94
CA GLY B 234 35.83 17.92 -21.00
C GLY B 234 36.47 17.93 -19.62
N LEU B 235 35.80 18.53 -18.65
CA LEU B 235 36.28 18.43 -17.27
C LEU B 235 36.10 17.02 -16.73
N ALA B 236 35.05 16.32 -17.16
CA ALA B 236 34.86 14.94 -16.72
C ALA B 236 35.89 14.01 -17.34
N PHE B 237 36.48 14.41 -18.47
CA PHE B 237 37.55 13.61 -19.06
C PHE B 237 38.88 13.89 -18.37
N VAL B 238 39.08 15.11 -17.88
CA VAL B 238 40.33 15.49 -17.25
C VAL B 238 40.43 14.92 -15.83
N VAL B 239 39.30 14.85 -15.12
CA VAL B 239 39.27 14.33 -13.76
C VAL B 239 39.66 12.85 -13.73
N PHE B 240 39.35 12.13 -14.82
CA PHE B 240 39.83 10.75 -14.92
C PHE B 240 41.33 10.65 -15.18
N LEU B 241 41.87 11.42 -16.13
CA LEU B 241 43.30 11.37 -16.38
C LEU B 241 44.10 11.90 -15.21
N CYS B 242 43.52 12.84 -14.45
CA CYS B 242 44.13 13.23 -13.19
C CYS B 242 43.89 12.17 -12.12
N GLY B 243 42.88 11.32 -12.30
CA GLY B 243 42.51 10.35 -11.29
C GLY B 243 42.91 8.91 -11.57
N GLN B 244 43.68 8.67 -12.64
CA GLN B 244 44.19 7.33 -12.90
C GLN B 244 45.26 6.91 -11.90
N SER B 245 45.90 7.87 -11.23
CA SER B 245 46.96 7.57 -10.28
C SER B 245 46.44 7.01 -8.95
N VAL B 246 45.15 7.18 -8.66
CA VAL B 246 44.61 6.80 -7.36
C VAL B 246 43.58 5.68 -7.45
N PHE B 247 43.20 5.25 -8.65
CA PHE B 247 42.20 4.22 -8.82
C PHE B 247 42.75 2.84 -8.46
N ILE B 248 41.86 1.85 -8.46
CA ILE B 248 42.23 0.48 -8.13
C ILE B 248 42.14 -0.40 -9.37
N GLU B 275 29.41 -21.83 -13.09
CA GLU B 275 28.76 -21.20 -11.94
C GLU B 275 28.13 -19.88 -12.38
N ASP B 276 28.77 -19.21 -13.33
CA ASP B 276 28.28 -17.91 -13.78
C ASP B 276 27.11 -18.04 -14.74
N VAL B 277 26.98 -19.17 -15.42
CA VAL B 277 25.81 -19.42 -16.25
C VAL B 277 24.58 -19.62 -15.39
N LYS B 278 24.77 -20.25 -14.21
CA LYS B 278 23.70 -20.32 -13.23
C LYS B 278 23.39 -18.95 -12.65
N ALA B 279 24.39 -18.07 -12.59
CA ALA B 279 24.18 -16.75 -11.99
C ALA B 279 23.47 -15.81 -12.94
N LEU B 280 23.50 -16.10 -14.24
CA LEU B 280 22.77 -15.29 -15.20
C LEU B 280 21.27 -15.54 -15.12
N VAL B 281 20.87 -16.82 -15.21
CA VAL B 281 19.46 -17.17 -15.23
C VAL B 281 18.79 -17.03 -13.87
N LYS B 282 19.57 -16.79 -12.82
CA LYS B 282 19.02 -16.56 -11.49
C LYS B 282 18.61 -15.10 -11.30
N ILE B 283 19.21 -14.18 -12.05
CA ILE B 283 18.95 -12.75 -11.87
C ILE B 283 18.15 -12.13 -13.02
N VAL B 284 17.96 -12.85 -14.11
CA VAL B 284 17.04 -12.39 -15.17
C VAL B 284 15.60 -12.28 -14.71
N PRO B 285 15.01 -13.24 -13.94
CA PRO B 285 13.65 -12.99 -13.44
C PRO B 285 13.51 -11.84 -12.47
N VAL B 286 14.60 -11.38 -11.85
CA VAL B 286 14.51 -10.20 -11.01
C VAL B 286 14.43 -8.95 -11.90
N PHE B 287 15.16 -8.94 -13.02
CA PHE B 287 15.12 -7.78 -13.90
C PHE B 287 13.83 -7.73 -14.69
N LEU B 288 13.23 -8.89 -14.97
CA LEU B 288 11.95 -8.91 -15.66
C LEU B 288 10.82 -8.47 -14.73
N ALA B 289 10.98 -8.71 -13.43
CA ALA B 289 9.98 -8.27 -12.46
C ALA B 289 10.04 -6.77 -12.19
N LEU B 290 11.10 -6.11 -12.61
CA LEU B 290 11.22 -4.66 -12.47
C LEU B 290 10.63 -3.89 -13.65
N ILE B 291 10.29 -4.58 -14.75
CA ILE B 291 9.70 -3.90 -15.91
C ILE B 291 8.37 -3.23 -15.59
N PRO B 292 7.45 -3.82 -14.80
CA PRO B 292 6.32 -3.01 -14.36
C PRO B 292 6.69 -1.92 -13.36
N TYR B 293 7.82 -2.03 -12.66
CA TYR B 293 8.25 -0.94 -11.79
C TYR B 293 8.78 0.23 -12.61
N TRP B 294 9.51 -0.03 -13.69
CA TRP B 294 10.02 1.05 -14.52
C TRP B 294 8.88 1.74 -15.27
N THR B 295 7.81 0.99 -15.57
CA THR B 295 6.63 1.52 -16.25
C THR B 295 5.96 2.60 -15.41
N VAL B 296 5.77 2.34 -14.12
CA VAL B 296 5.16 3.34 -13.25
C VAL B 296 6.14 4.47 -12.97
N TYR B 297 7.45 4.16 -12.99
CA TYR B 297 8.47 5.13 -12.60
C TYR B 297 8.63 6.24 -13.63
N PHE B 298 8.67 5.89 -14.91
CA PHE B 298 8.86 6.91 -15.93
C PHE B 298 7.57 7.63 -16.26
N GLN B 299 6.42 7.01 -16.01
CA GLN B 299 5.15 7.68 -16.29
C GLN B 299 4.75 8.62 -15.17
N MET B 300 5.40 8.53 -14.02
CA MET B 300 5.23 9.55 -13.00
C MET B 300 6.05 10.78 -13.31
N GLN B 301 7.22 10.60 -13.92
CA GLN B 301 8.05 11.74 -14.28
C GLN B 301 7.40 12.57 -15.37
N THR B 302 6.69 11.92 -16.29
CA THR B 302 5.98 12.65 -17.33
C THR B 302 4.75 13.34 -16.79
N THR B 303 3.95 12.62 -16.00
CA THR B 303 2.62 13.12 -15.65
C THR B 303 2.58 13.95 -14.38
N TYR B 304 3.63 13.94 -13.55
CA TYR B 304 3.65 14.88 -12.45
C TYR B 304 4.02 16.28 -12.94
N VAL B 305 4.75 16.34 -14.05
CA VAL B 305 5.07 17.64 -14.66
C VAL B 305 3.83 18.22 -15.32
N LEU B 306 3.02 17.36 -15.94
CA LEU B 306 1.76 17.81 -16.54
C LEU B 306 0.78 18.30 -15.49
N GLN B 307 0.83 17.71 -14.29
CA GLN B 307 0.02 18.20 -13.19
C GLN B 307 0.57 19.50 -12.64
N SER B 308 1.89 19.69 -12.72
CA SER B 308 2.50 20.92 -12.22
C SER B 308 2.24 22.09 -13.16
N LEU B 309 2.15 21.83 -14.46
CA LEU B 309 1.88 22.87 -15.44
C LEU B 309 0.46 23.42 -15.28
N HIS B 310 -0.48 22.57 -14.92
CA HIS B 310 -1.88 22.94 -14.74
C HIS B 310 -2.19 23.23 -13.29
N LEU B 311 -1.22 23.75 -12.55
CA LEU B 311 -1.35 24.08 -11.15
C LEU B 311 -0.65 25.42 -10.95
N ARG B 312 -1.06 26.17 -9.93
CA ARG B 312 -0.63 27.57 -9.82
C ARG B 312 0.82 27.66 -9.37
N ILE B 313 1.69 28.06 -10.30
CA ILE B 313 3.12 28.18 -10.08
C ILE B 313 3.42 29.65 -9.75
N PRO B 314 4.13 29.94 -8.66
CA PRO B 314 4.41 31.34 -8.34
C PRO B 314 5.50 31.93 -9.23
N GLU B 315 5.48 33.24 -9.35
CA GLU B 315 6.50 33.96 -10.10
C GLU B 315 7.64 34.39 -9.19
N ILE B 316 8.81 34.57 -9.78
CA ILE B 316 10.04 34.79 -9.03
C ILE B 316 10.53 36.23 -9.14
N SER B 317 10.33 36.89 -10.28
CA SER B 317 10.79 38.26 -10.43
C SER B 317 9.68 39.17 -10.94
N ASN B 318 9.95 40.47 -11.01
CA ASN B 318 8.97 41.43 -11.47
C ASN B 318 9.03 41.60 -12.99
N PRO B 323 15.17 38.68 -19.26
CA PRO B 323 14.91 37.24 -19.17
C PRO B 323 13.66 36.92 -18.38
N HIS B 324 12.60 36.52 -19.08
CA HIS B 324 11.33 36.16 -18.46
C HIS B 324 11.07 34.69 -18.77
N THR B 325 9.86 34.23 -18.42
CA THR B 325 9.25 32.97 -18.87
C THR B 325 10.11 31.75 -18.49
N LEU B 326 10.11 31.46 -17.18
CA LEU B 326 10.83 30.38 -16.49
C LEU B 326 10.76 29.04 -17.20
N PRO B 327 11.81 28.22 -17.14
CA PRO B 327 11.86 26.99 -17.94
C PRO B 327 10.93 25.92 -17.40
N ALA B 328 10.53 25.03 -18.31
CA ALA B 328 9.74 23.87 -17.92
C ALA B 328 10.62 22.78 -17.30
N ALA B 329 11.94 22.96 -17.35
CA ALA B 329 12.83 21.98 -16.76
C ALA B 329 12.97 22.17 -15.26
N TRP B 330 12.50 23.30 -14.73
CA TRP B 330 12.52 23.50 -13.29
C TRP B 330 11.46 22.65 -12.59
N LEU B 331 10.45 22.21 -13.34
CA LEU B 331 9.41 21.40 -12.74
C LEU B 331 9.82 19.94 -12.65
N THR B 332 10.92 19.57 -13.31
CA THR B 332 11.46 18.22 -13.17
C THR B 332 12.49 18.19 -12.04
N MET B 333 12.79 19.33 -11.44
CA MET B 333 13.80 19.39 -10.39
C MET B 333 13.24 18.94 -9.04
N PHE B 334 11.92 18.93 -8.91
CA PHE B 334 11.26 18.80 -7.60
C PHE B 334 11.51 17.44 -6.96
N ASP B 335 11.70 16.42 -7.79
CA ASP B 335 12.11 15.12 -7.28
C ASP B 335 13.54 15.18 -6.77
N ALA B 336 14.44 15.81 -7.53
CA ALA B 336 15.86 15.71 -7.24
C ALA B 336 16.28 16.64 -6.10
N VAL B 337 15.50 17.67 -5.79
CA VAL B 337 15.81 18.53 -4.65
C VAL B 337 15.60 17.77 -3.35
N LEU B 338 14.58 16.91 -3.31
CA LEU B 338 14.32 16.12 -2.11
C LEU B 338 15.36 15.05 -1.91
N ILE B 339 15.96 14.55 -2.99
CA ILE B 339 16.95 13.48 -2.88
C ILE B 339 18.25 14.02 -2.28
N LEU B 340 18.55 15.30 -2.54
CA LEU B 340 19.71 15.94 -1.92
C LEU B 340 19.53 16.12 -0.42
N LEU B 341 18.27 16.13 0.04
CA LEU B 341 18.02 16.31 1.47
C LEU B 341 17.86 14.98 2.19
N LEU B 342 17.54 13.90 1.49
CA LEU B 342 17.19 12.64 2.13
C LEU B 342 18.31 11.61 2.09
N ILE B 343 19.27 11.74 1.19
CA ILE B 343 20.45 10.87 1.21
C ILE B 343 21.35 11.16 2.41
N PRO B 344 21.67 12.45 2.80
CA PRO B 344 22.37 12.64 4.09
C PRO B 344 21.53 12.23 5.30
N LEU B 345 20.21 12.18 5.13
CA LEU B 345 19.35 11.67 6.18
C LEU B 345 19.46 10.15 6.29
N LYS B 346 19.58 9.46 5.15
CA LYS B 346 19.72 8.01 5.17
C LYS B 346 21.11 7.61 5.64
N ASP B 347 22.14 8.29 5.15
CA ASP B 347 23.51 7.91 5.42
C ASP B 347 23.91 8.16 6.88
N LYS B 348 23.16 9.02 7.57
CA LYS B 348 23.51 9.36 8.94
C LYS B 348 22.44 8.91 9.93
N LEU B 349 21.27 8.50 9.43
CA LEU B 349 20.24 8.01 10.36
C LEU B 349 19.57 6.73 9.90
N VAL B 350 19.96 6.08 8.81
CA VAL B 350 19.50 4.73 8.49
C VAL B 350 20.64 3.73 8.38
N ASP B 351 21.84 4.16 7.96
CA ASP B 351 23.03 3.34 8.16
C ASP B 351 23.30 3.09 9.65
N PRO B 352 23.17 4.07 10.58
CA PRO B 352 23.20 3.65 11.99
C PRO B 352 22.00 2.82 12.41
N ILE B 353 20.79 3.36 12.26
CA ILE B 353 19.64 2.91 13.05
C ILE B 353 19.17 1.53 12.60
N LEU B 354 19.01 1.33 11.30
CA LEU B 354 18.57 0.03 10.78
C LEU B 354 19.63 -1.04 10.87
N ARG B 355 20.87 -0.73 11.25
CA ARG B 355 21.91 -1.74 11.34
C ARG B 355 22.04 -2.35 12.73
N ARG B 356 21.99 -1.54 13.80
CA ARG B 356 22.15 -2.13 15.12
C ARG B 356 20.84 -2.70 15.65
N HIS B 357 19.74 -2.55 14.92
CA HIS B 357 18.52 -3.28 15.20
C HIS B 357 18.31 -4.45 14.26
N GLY B 358 19.20 -4.65 13.29
CA GLY B 358 19.10 -5.78 12.38
C GLY B 358 17.94 -5.71 11.42
N LEU B 359 17.40 -4.51 11.19
CA LEU B 359 16.20 -4.32 10.40
C LEU B 359 16.56 -4.07 8.95
N LEU B 360 15.95 -4.85 8.06
CA LEU B 360 15.95 -4.72 6.61
C LEU B 360 17.37 -4.74 6.03
N PRO B 361 18.08 -5.87 6.07
CA PRO B 361 19.50 -5.85 5.67
C PRO B 361 19.76 -6.02 4.18
N SER B 362 18.85 -6.67 3.46
CA SER B 362 19.15 -7.05 2.09
C SER B 362 18.68 -5.99 1.11
N SER B 363 19.24 -6.06 -0.10
CA SER B 363 18.94 -5.11 -1.16
C SER B 363 17.59 -5.33 -1.81
N LEU B 364 17.13 -6.57 -1.95
CA LEU B 364 15.86 -6.86 -2.58
C LEU B 364 14.67 -6.50 -1.70
N LYS B 365 14.83 -6.52 -0.38
CA LYS B 365 13.73 -6.09 0.48
C LYS B 365 13.67 -4.58 0.55
N ARG B 366 14.75 -3.87 0.22
CA ARG B 366 14.69 -2.42 0.18
C ARG B 366 14.09 -1.92 -1.12
N ILE B 367 14.14 -2.75 -2.17
CA ILE B 367 13.42 -2.40 -3.40
C ILE B 367 11.92 -2.53 -3.18
N ALA B 368 11.51 -3.52 -2.38
CA ALA B 368 10.09 -3.71 -2.10
C ALA B 368 9.56 -2.62 -1.17
N VAL B 369 10.41 -2.06 -0.31
CA VAL B 369 10.01 -0.90 0.47
C VAL B 369 9.83 0.31 -0.42
N GLY B 370 10.73 0.49 -1.39
CA GLY B 370 10.60 1.59 -2.32
C GLY B 370 9.43 1.43 -3.27
N MET B 371 9.02 0.18 -3.52
CA MET B 371 7.82 -0.05 -4.31
C MET B 371 6.56 0.29 -3.54
N PHE B 372 6.63 0.30 -2.21
CA PHE B 372 5.47 0.64 -1.40
C PHE B 372 5.20 2.14 -1.42
N PHE B 373 6.26 2.95 -1.52
CA PHE B 373 6.07 4.39 -1.51
C PHE B 373 5.81 4.92 -2.91
N VAL B 374 6.04 4.11 -3.95
CA VAL B 374 5.60 4.50 -5.28
C VAL B 374 4.09 4.43 -5.37
N MET B 375 3.51 3.36 -4.81
CA MET B 375 2.06 3.18 -4.84
C MET B 375 1.35 4.22 -3.99
N CYS B 376 1.92 4.56 -2.83
CA CYS B 376 1.34 5.60 -1.98
C CYS B 376 1.46 6.98 -2.61
N SER B 377 2.42 7.16 -3.51
CA SER B 377 2.55 8.44 -4.22
C SER B 377 1.52 8.55 -5.33
N ALA B 378 1.18 7.42 -5.96
CA ALA B 378 0.21 7.43 -7.04
C ALA B 378 -1.20 7.66 -6.51
N PHE B 379 -1.47 7.21 -5.29
CA PHE B 379 -2.75 7.53 -4.68
C PHE B 379 -2.83 9.00 -4.30
N ALA B 380 -1.74 9.54 -3.74
CA ALA B 380 -1.73 10.94 -3.33
C ALA B 380 -1.79 11.87 -4.54
N ALA B 381 -1.35 11.40 -5.70
CA ALA B 381 -1.43 12.19 -6.92
C ALA B 381 -2.83 12.19 -7.49
N GLY B 382 -3.54 11.06 -7.42
CA GLY B 382 -4.88 11.00 -7.96
C GLY B 382 -5.90 11.67 -7.07
N ILE B 383 -5.59 11.78 -5.78
CA ILE B 383 -6.46 12.51 -4.85
C ILE B 383 -6.35 14.01 -5.10
N LEU B 384 -5.13 14.50 -5.35
CA LEU B 384 -4.95 15.91 -5.67
C LEU B 384 -5.51 16.24 -7.04
N GLU B 385 -5.44 15.31 -7.98
CA GLU B 385 -5.92 15.57 -9.32
C GLU B 385 -7.45 15.54 -9.38
N SER B 386 -8.08 14.74 -8.52
CA SER B 386 -9.54 14.77 -8.44
C SER B 386 -10.02 16.06 -7.79
N LYS B 387 -9.23 16.60 -6.85
CA LYS B 387 -9.56 17.89 -6.27
C LYS B 387 -9.35 19.01 -7.28
N ARG B 388 -8.32 18.88 -8.12
CA ARG B 388 -8.00 19.95 -9.06
C ARG B 388 -8.99 20.00 -10.20
N LEU B 389 -9.41 18.83 -10.72
CA LEU B 389 -10.41 18.80 -11.77
C LEU B 389 -11.78 19.26 -11.27
N ASN B 390 -12.05 19.08 -9.98
CA ASN B 390 -13.25 19.61 -9.37
C ASN B 390 -13.16 21.13 -9.25
N LEU B 391 -11.95 21.64 -9.03
CA LEU B 391 -11.76 23.06 -8.79
C LEU B 391 -11.58 23.85 -10.09
N VAL B 392 -11.24 23.17 -11.19
CA VAL B 392 -11.02 23.85 -12.45
C VAL B 392 -12.34 24.13 -13.16
N LYS B 393 -13.44 23.52 -12.71
CA LYS B 393 -14.74 23.82 -13.28
C LYS B 393 -15.24 25.20 -12.87
N GLU B 394 -14.84 25.68 -11.69
CA GLU B 394 -15.31 26.98 -11.21
C GLU B 394 -14.55 28.12 -11.85
N LYS B 395 -13.24 28.19 -11.63
CA LYS B 395 -12.40 29.23 -12.22
C LYS B 395 -11.10 28.62 -12.71
N THR B 396 -10.43 29.35 -13.58
CA THR B 396 -9.20 28.89 -14.21
C THR B 396 -8.33 30.11 -14.52
N ILE B 397 -7.09 30.08 -14.05
CA ILE B 397 -6.16 31.18 -14.29
C ILE B 397 -5.22 30.80 -15.42
N ASN B 398 -4.60 31.83 -16.01
CA ASN B 398 -3.62 31.66 -17.08
C ASN B 398 -2.23 31.81 -16.51
N GLN B 399 -1.34 30.91 -16.90
CA GLN B 399 0.08 31.02 -16.57
C GLN B 399 0.89 30.51 -17.76
N THR B 400 2.05 31.11 -17.96
CA THR B 400 2.91 30.76 -19.09
C THR B 400 4.21 30.14 -18.60
N ILE B 401 4.46 28.90 -19.02
CA ILE B 401 5.64 28.14 -18.62
C ILE B 401 6.35 27.78 -19.92
N GLY B 402 7.55 28.29 -20.10
CA GLY B 402 8.21 28.14 -21.37
C GLY B 402 7.76 29.23 -22.33
N ASN B 403 7.09 28.86 -23.41
CA ASN B 403 6.51 29.86 -24.29
C ASN B 403 5.07 29.52 -24.68
N VAL B 404 4.36 28.78 -23.84
CA VAL B 404 2.97 28.40 -24.08
C VAL B 404 2.20 28.63 -22.79
N VAL B 405 0.96 29.09 -22.91
CA VAL B 405 0.11 29.37 -21.75
C VAL B 405 -0.55 28.07 -21.31
N TYR B 406 -0.71 27.92 -20.00
CA TYR B 406 -1.38 26.78 -19.41
C TYR B 406 -2.56 27.25 -18.59
N HIS B 407 -3.66 26.52 -18.69
CA HIS B 407 -4.89 26.87 -18.01
C HIS B 407 -4.93 26.16 -16.66
N ALA B 408 -4.40 26.82 -15.65
CA ALA B 408 -4.17 26.22 -14.35
C ALA B 408 -5.33 26.51 -13.41
N ALA B 409 -5.61 25.56 -12.53
CA ALA B 409 -6.56 25.81 -11.46
C ALA B 409 -5.93 26.71 -10.41
N ASP B 410 -6.78 27.30 -9.57
CA ASP B 410 -6.30 28.17 -8.50
C ASP B 410 -5.99 27.36 -7.24
N LEU B 411 -5.10 26.38 -7.40
CA LEU B 411 -4.63 25.53 -6.31
C LEU B 411 -3.11 25.59 -6.38
N SER B 412 -2.46 25.69 -5.22
CA SER B 412 -1.04 26.01 -5.18
C SER B 412 -0.20 24.83 -5.67
N LEU B 413 1.00 25.16 -6.15
CA LEU B 413 1.94 24.14 -6.60
C LEU B 413 2.46 23.31 -5.43
N TRP B 414 2.50 23.89 -4.23
CA TRP B 414 3.11 23.23 -3.08
C TRP B 414 2.18 22.24 -2.42
N TRP B 415 0.98 22.00 -2.98
CA TRP B 415 0.21 20.85 -2.58
C TRP B 415 0.66 19.58 -3.28
N GLN B 416 1.61 19.68 -4.19
CA GLN B 416 2.18 18.52 -4.86
C GLN B 416 3.39 18.00 -4.11
N VAL B 417 3.72 18.63 -2.98
CA VAL B 417 4.85 18.18 -2.15
C VAL B 417 4.65 16.79 -1.54
N PRO B 418 3.45 16.39 -1.03
CA PRO B 418 3.33 15.00 -0.56
C PRO B 418 3.45 13.93 -1.65
N GLN B 419 3.31 14.28 -2.93
CA GLN B 419 3.63 13.33 -3.98
C GLN B 419 5.13 13.11 -4.06
N TYR B 420 5.91 14.19 -3.93
CA TYR B 420 7.34 14.12 -4.14
C TYR B 420 8.11 13.68 -2.91
N LEU B 421 7.50 13.74 -1.72
CA LEU B 421 8.11 13.09 -0.58
C LEU B 421 8.07 11.58 -0.73
N LEU B 422 7.00 11.06 -1.32
CA LEU B 422 6.81 9.62 -1.36
C LEU B 422 7.65 8.97 -2.45
N ILE B 423 7.81 9.62 -3.61
CA ILE B 423 8.77 9.11 -4.59
C ILE B 423 10.17 9.53 -4.21
N GLY B 424 10.30 10.55 -3.36
CA GLY B 424 11.60 10.87 -2.80
C GLY B 424 12.10 9.78 -1.88
N ILE B 425 11.23 9.33 -0.96
CA ILE B 425 11.58 8.22 -0.05
C ILE B 425 11.71 6.92 -0.83
N SER B 426 10.99 6.79 -1.94
CA SER B 426 11.08 5.58 -2.75
C SER B 426 12.44 5.43 -3.41
N GLU B 427 13.00 6.53 -3.92
CA GLU B 427 14.32 6.48 -4.54
C GLU B 427 15.42 6.38 -3.50
N ILE B 428 15.14 6.77 -2.26
CA ILE B 428 16.05 6.53 -1.15
C ILE B 428 16.23 5.03 -0.92
N PHE B 429 15.16 4.26 -1.09
CA PHE B 429 15.23 2.82 -0.87
C PHE B 429 15.43 2.04 -2.16
N ALA B 430 14.56 2.21 -3.15
CA ALA B 430 14.57 1.33 -4.30
C ALA B 430 15.69 1.65 -5.28
N SER B 431 16.08 2.93 -5.39
CA SER B 431 17.04 3.29 -6.43
C SER B 431 18.47 2.97 -6.01
N ILE B 432 18.79 3.17 -4.74
CA ILE B 432 20.14 2.88 -4.28
C ILE B 432 20.35 1.37 -4.13
N ALA B 433 19.32 0.67 -3.64
CA ALA B 433 19.43 -0.79 -3.50
C ALA B 433 19.33 -1.49 -4.84
N GLY B 434 18.79 -0.83 -5.87
CA GLY B 434 18.79 -1.41 -7.20
C GLY B 434 20.18 -1.42 -7.81
N LEU B 435 20.99 -0.42 -7.48
CA LEU B 435 22.38 -0.42 -7.93
C LEU B 435 23.20 -1.43 -7.15
N GLU B 436 22.84 -1.69 -5.90
CA GLU B 436 23.57 -2.65 -5.09
C GLU B 436 23.32 -4.07 -5.54
N PHE B 437 22.08 -4.36 -5.96
CA PHE B 437 21.76 -5.71 -6.41
C PHE B 437 22.41 -6.02 -7.74
N ALA B 438 22.44 -5.05 -8.66
CA ALA B 438 23.04 -5.29 -9.97
C ALA B 438 24.55 -5.42 -9.88
N TYR B 439 25.15 -4.91 -8.81
CA TYR B 439 26.59 -5.03 -8.62
C TYR B 439 26.95 -6.31 -7.86
N SER B 440 26.23 -6.60 -6.77
CA SER B 440 26.60 -7.73 -5.92
C SER B 440 26.16 -9.05 -6.54
N ALA B 441 25.01 -9.06 -7.19
CA ALA B 441 24.47 -10.29 -7.77
C ALA B 441 24.87 -10.39 -9.24
N ALA B 442 26.17 -10.28 -9.48
CA ALA B 442 26.72 -10.39 -10.81
C ALA B 442 28.01 -11.16 -10.74
N PRO B 443 28.30 -12.02 -11.73
CA PRO B 443 29.61 -12.68 -11.76
C PRO B 443 30.72 -11.68 -11.98
N LYS B 444 31.92 -12.06 -11.53
CA LYS B 444 33.06 -11.14 -11.57
C LYS B 444 33.50 -10.86 -13.00
N SER B 445 33.33 -11.85 -13.88
CA SER B 445 33.71 -11.64 -15.28
C SER B 445 32.66 -10.82 -16.01
N MET B 446 31.41 -10.88 -15.57
CA MET B 446 30.31 -10.26 -16.29
C MET B 446 29.72 -9.04 -15.58
N GLN B 447 30.45 -8.44 -14.65
CA GLN B 447 30.04 -7.13 -14.14
C GLN B 447 30.16 -6.10 -15.25
N SER B 448 29.28 -5.09 -15.20
CA SER B 448 29.05 -3.99 -16.14
C SER B 448 28.37 -4.44 -17.43
N ALA B 449 28.24 -5.75 -17.65
CA ALA B 449 27.30 -6.27 -18.63
C ALA B 449 25.97 -6.61 -17.98
N ILE B 450 25.98 -6.82 -16.67
CA ILE B 450 24.75 -6.93 -15.90
C ILE B 450 24.20 -5.54 -15.60
N MET B 451 25.08 -4.59 -15.29
CA MET B 451 24.69 -3.17 -15.26
C MET B 451 24.16 -2.70 -16.61
N GLY B 452 24.69 -3.24 -17.70
CA GLY B 452 24.15 -2.91 -19.00
C GLY B 452 22.75 -3.44 -19.21
N LEU B 453 22.51 -4.69 -18.81
CA LEU B 453 21.16 -5.24 -18.89
C LEU B 453 20.23 -4.58 -17.89
N PHE B 454 20.77 -4.11 -16.77
CA PHE B 454 19.94 -3.46 -15.76
C PHE B 454 19.38 -2.14 -16.28
N PHE B 455 20.17 -1.40 -17.06
CA PHE B 455 19.64 -0.18 -17.66
C PHE B 455 18.99 -0.44 -19.01
N PHE B 456 19.15 -1.63 -19.58
CA PHE B 456 18.36 -1.97 -20.76
C PHE B 456 16.92 -2.27 -20.39
N PHE B 457 16.70 -3.02 -19.31
CA PHE B 457 15.33 -3.29 -18.88
C PHE B 457 14.71 -2.07 -18.22
N SER B 458 15.53 -1.10 -17.79
CA SER B 458 15.01 0.20 -17.41
C SER B 458 14.40 0.91 -18.61
N GLY B 459 14.99 0.70 -19.79
CA GLY B 459 14.46 1.35 -20.98
C GLY B 459 13.30 0.60 -21.60
N VAL B 460 13.24 -0.72 -21.39
CA VAL B 460 12.09 -1.50 -21.82
C VAL B 460 10.84 -1.08 -21.04
N GLY B 461 11.00 -0.80 -19.75
CA GLY B 461 9.88 -0.30 -18.97
C GLY B 461 9.51 1.13 -19.33
N SER B 462 10.43 1.86 -19.94
CA SER B 462 10.13 3.23 -20.34
C SER B 462 9.28 3.27 -21.60
N PHE B 463 9.52 2.34 -22.53
CA PHE B 463 8.75 2.35 -23.78
C PHE B 463 7.43 1.62 -23.64
N VAL B 464 7.35 0.62 -22.75
CA VAL B 464 6.05 0.01 -22.50
C VAL B 464 5.22 0.91 -21.60
N GLY B 465 5.85 1.84 -20.89
CA GLY B 465 5.11 2.85 -20.18
C GLY B 465 4.55 3.90 -21.11
N SER B 466 5.30 4.22 -22.17
CA SER B 466 4.81 5.16 -23.17
C SER B 466 3.69 4.54 -24.00
N GLY B 467 3.71 3.22 -24.17
CA GLY B 467 2.62 2.55 -24.84
C GLY B 467 1.38 2.43 -23.95
N LEU B 468 1.58 2.51 -22.63
CA LEU B 468 0.45 2.54 -21.72
C LEU B 468 -0.29 3.86 -21.81
N LEU B 469 0.44 4.96 -22.01
CA LEU B 469 -0.19 6.26 -22.19
C LEU B 469 -0.90 6.33 -23.54
N ALA B 470 -0.40 5.61 -24.53
CA ALA B 470 -1.07 5.54 -25.82
C ALA B 470 -2.31 4.65 -25.75
N LEU B 471 -2.35 3.74 -24.78
CA LEU B 471 -3.51 2.88 -24.63
C LEU B 471 -4.67 3.62 -23.97
N VAL B 472 -4.38 4.44 -22.96
CA VAL B 472 -5.44 5.20 -22.30
C VAL B 472 -5.78 6.49 -23.01
N SER B 473 -5.23 6.72 -24.20
CA SER B 473 -5.52 7.90 -25.00
C SER B 473 -6.46 7.61 -26.15
N ILE B 474 -6.84 6.34 -26.35
CA ILE B 474 -7.74 6.01 -27.46
C ILE B 474 -9.15 6.45 -27.12
N LYS B 475 -10.01 6.45 -28.15
CA LYS B 475 -11.36 6.97 -27.99
C LYS B 475 -12.24 6.03 -27.17
N ALA B 476 -11.87 4.75 -27.08
CA ALA B 476 -12.67 3.79 -26.33
C ALA B 476 -12.53 3.99 -24.83
N ILE B 477 -11.36 4.45 -24.38
CA ILE B 477 -11.12 4.68 -22.97
C ILE B 477 -11.25 6.17 -22.69
N GLY B 478 -10.52 6.99 -23.44
CA GLY B 478 -10.72 8.43 -23.39
C GLY B 478 -10.18 9.13 -22.17
N TRP B 479 -9.20 8.54 -21.48
CA TRP B 479 -8.62 9.22 -20.33
C TRP B 479 -7.65 10.31 -20.79
N MET B 480 -6.99 10.10 -21.94
CA MET B 480 -6.05 11.08 -22.46
C MET B 480 -6.38 11.44 -23.90
N SER B 481 -7.65 11.71 -24.19
CA SER B 481 -8.05 12.07 -25.54
C SER B 481 -7.59 13.47 -25.94
N SER B 482 -7.26 14.32 -24.98
CA SER B 482 -6.82 15.68 -25.29
C SER B 482 -5.49 16.00 -24.60
N GLY B 487 -2.19 20.57 -25.40
CA GLY B 487 -1.45 20.72 -24.16
C GLY B 487 -2.34 20.96 -22.95
N ASN B 488 -3.61 20.56 -23.06
CA ASN B 488 -4.57 20.78 -21.99
C ASN B 488 -5.04 19.44 -21.43
N ILE B 489 -4.99 19.30 -20.11
CA ILE B 489 -5.45 18.10 -19.44
C ILE B 489 -6.69 18.34 -18.61
N ASN B 490 -7.28 19.55 -18.69
CA ASN B 490 -8.47 19.85 -17.92
C ASN B 490 -9.69 19.09 -18.43
N GLY B 491 -9.69 18.67 -19.69
CA GLY B 491 -10.68 17.77 -20.22
C GLY B 491 -10.27 16.32 -20.19
N CYS B 492 -9.10 16.01 -19.63
CA CYS B 492 -8.61 14.65 -19.50
C CYS B 492 -8.87 14.16 -18.08
N TYR B 493 -8.89 12.85 -17.90
CA TYR B 493 -9.02 12.26 -16.57
C TYR B 493 -7.66 11.72 -16.14
N LEU B 494 -6.84 12.62 -15.64
CA LEU B 494 -5.50 12.25 -15.20
C LEU B 494 -5.51 11.52 -13.86
N ASN B 495 -6.54 11.77 -13.03
CA ASN B 495 -6.66 11.09 -11.75
C ASN B 495 -6.96 9.61 -11.92
N TYR B 496 -7.68 9.25 -12.99
CA TYR B 496 -7.94 7.84 -13.25
C TYR B 496 -6.68 7.13 -13.72
N TYR B 497 -5.73 7.90 -14.26
CA TYR B 497 -4.49 7.30 -14.73
C TYR B 497 -3.49 7.12 -13.60
N PHE B 498 -3.56 7.97 -12.57
CA PHE B 498 -2.73 7.74 -11.39
C PHE B 498 -3.24 6.57 -10.57
N PHE B 499 -4.55 6.34 -10.58
CA PHE B 499 -5.11 5.21 -9.87
C PHE B 499 -4.80 3.91 -10.57
N LEU B 500 -4.67 3.95 -11.90
CA LEU B 500 -4.22 2.79 -12.65
C LEU B 500 -2.75 2.48 -12.36
N LEU B 501 -1.94 3.52 -12.20
CA LEU B 501 -0.52 3.32 -11.89
C LEU B 501 -0.34 2.82 -10.46
N ALA B 502 -1.28 3.15 -9.57
CA ALA B 502 -1.24 2.61 -8.22
C ALA B 502 -1.62 1.14 -8.20
N ALA B 503 -2.49 0.74 -9.12
CA ALA B 503 -2.91 -0.66 -9.19
C ALA B 503 -1.84 -1.52 -9.85
N ILE B 504 -1.14 -0.97 -10.85
CA ILE B 504 -0.04 -1.69 -11.48
C ILE B 504 1.13 -1.82 -10.51
N GLN B 505 1.37 -0.79 -9.69
CA GLN B 505 2.46 -0.84 -8.72
C GLN B 505 2.15 -1.79 -7.58
N GLY B 506 0.88 -1.88 -7.18
CA GLY B 506 0.51 -2.79 -6.11
C GLY B 506 0.60 -4.25 -6.53
N ALA B 507 0.30 -4.54 -7.79
CA ALA B 507 0.48 -5.90 -8.29
C ALA B 507 1.95 -6.19 -8.54
N THR B 508 2.74 -5.14 -8.80
CA THR B 508 4.18 -5.32 -8.99
C THR B 508 4.86 -5.60 -7.66
N LEU B 509 4.36 -4.99 -6.58
CA LEU B 509 4.91 -5.22 -5.25
C LEU B 509 4.68 -6.66 -4.81
N LEU B 510 3.48 -7.19 -5.07
CA LEU B 510 3.17 -8.56 -4.68
C LEU B 510 3.92 -9.56 -5.54
N LEU B 511 4.16 -9.21 -6.80
CA LEU B 511 4.96 -10.06 -7.67
C LEU B 511 6.43 -10.04 -7.25
N PHE B 512 6.93 -8.88 -6.83
CA PHE B 512 8.35 -8.75 -6.55
C PHE B 512 8.72 -9.43 -5.23
N LEU B 513 7.78 -9.49 -4.30
CA LEU B 513 8.04 -10.17 -3.03
C LEU B 513 8.16 -11.67 -3.22
N ILE B 514 7.44 -12.22 -4.19
CA ILE B 514 7.55 -13.66 -4.49
C ILE B 514 8.86 -13.94 -5.19
N ILE B 515 9.26 -13.08 -6.12
CA ILE B 515 10.53 -13.24 -6.83
C ILE B 515 11.71 -13.04 -5.89
N SER B 516 11.57 -12.13 -4.92
CA SER B 516 12.65 -11.86 -3.97
C SER B 516 12.89 -13.02 -3.03
N VAL B 517 11.82 -13.72 -2.63
CA VAL B 517 11.99 -14.89 -1.76
C VAL B 517 12.52 -16.07 -2.56
N LYS B 518 12.01 -16.26 -3.78
CA LYS B 518 12.45 -17.39 -4.60
C LYS B 518 13.84 -17.15 -5.16
N TYR B 519 14.33 -15.91 -5.13
CA TYR B 519 15.74 -15.65 -5.44
C TYR B 519 16.63 -16.18 -4.31
N ASP B 520 16.30 -15.84 -3.07
CA ASP B 520 17.07 -16.29 -1.93
C ASP B 520 16.80 -17.76 -1.64
#